data_3QJX
#
_entry.id   3QJX
#
_cell.length_a   120.230
_cell.length_b   120.230
_cell.length_c   170.801
_cell.angle_alpha   90.00
_cell.angle_beta   90.00
_cell.angle_gamma   120.00
#
_symmetry.space_group_name_H-M   'P 31 2 1'
#
loop_
_entity.id
_entity.type
_entity.pdbx_description
1 polymer 'Aminopeptidase N'
2 non-polymer 'ZINC ION'
3 non-polymer 'SODIUM ION'
4 non-polymer SERINE
5 non-polymer 'MALONATE ION'
6 non-polymer GLYCEROL
7 water water
#
_entity_poly.entity_id   1
_entity_poly.type   'polypeptide(L)'
_entity_poly.pdbx_seq_one_letter_code
;MGSSHHHHHHSSGENLYFQGHMTQQPQAKYRHDYRAPDYQITDIDLTFDLDAQKTVVTAVSQAVRHGASDAPLRLNGEDL
KLVSVHINDEPWTAWKEEEGALVISNLPERFTLKIINEISPAANTALEGLYQSGDALCTQCEAEGFRHITYYLDRPDVLA
RFTTKIIADKIKYPFLLSNGNRVAQGELENGRHWVQWQDPFPKPCYLFALVAGDFDVLRDTFTTRSGREVALELYVDRGN
LDRAPWAMTSLKNSMKWDEERFGLEYDLDIYMIVAVDFFNMGAMENKGLNIFNSKYVLARTDTATDKDYLDIERVIGHEY
FHNWTGNRVTCRDWFQLSLKEGLTVFRDQEFSSDLGSRAVNRINNVRTMRGLQFAEDASPMAHPIRPDMVIEMNNFYTLT
VYEKGAEVIRMIHTLLGEENFQKGMQLYFERHDGSAATCDDFVQAMEDASNVDLSHFRRWYSQSGTPIVTVKDDYNPETE
QYTLTISQRTPATPDQAEKQPLHIPFAIELYDNEGKVIPLQKGGHPVNSVLNVTQAEQTFVFDNVYFQPVPALLCEFSAP
VKLEYKWSDQQLTFLMRHARNDFSRWDAAQSLLATYIKLNVARHQQGQPLSLPVHVADAFRAVLLDEKIDPALAAEILTL
PSVNEMAELFDIIDPIAIAEVREALTRTLATELADELLAIYNANYQSEYRVEHEDIAKRTLRNACLRFLAFGETHLADVL
VSKQFHEANNMTDALAALSAAVAAQLPCRDALMQEYDDKWHQNGLVMDKWFILQATSPAANVLETVRGLLQHRSFTMSNP
NRIRSLIGAFAGSNPAAFHAEDGSGYLFLVEMLTDLNSRNPQVASRLIEPLIRLKRYDAKRQEKMRAALEQLKGLENLSG
DLYEKITKALA
;
_entity_poly.pdbx_strand_id   A
#
# COMPACT_ATOMS: atom_id res chain seq x y z
N PRO A 26 -7.20 -8.19 25.21
CA PRO A 26 -7.07 -6.84 24.48
C PRO A 26 -8.53 -6.36 24.17
N GLN A 27 -9.00 -5.20 24.59
N GLN A 27 -8.82 -5.07 24.41
CA GLN A 27 -10.40 -4.95 24.25
CA GLN A 27 -10.20 -4.50 24.36
C GLN A 27 -10.48 -4.10 22.97
C GLN A 27 -10.53 -3.85 23.00
N ALA A 28 -11.60 -4.27 22.31
CA ALA A 28 -11.93 -3.52 21.12
C ALA A 28 -12.36 -2.09 21.44
N LYS A 29 -12.06 -1.20 20.50
CA LYS A 29 -12.52 0.18 20.57
CA LYS A 29 -12.47 0.19 20.53
C LYS A 29 -13.46 0.42 19.40
N TYR A 30 -14.48 1.28 19.55
CA TYR A 30 -15.53 1.43 18.54
C TYR A 30 -15.69 2.82 18.11
N ARG A 31 -15.90 2.97 16.81
CA ARG A 31 -16.04 4.29 16.23
C ARG A 31 -17.15 5.15 16.88
N HIS A 32 -18.26 4.42 17.19
CA HIS A 32 -19.41 5.15 17.72
C HIS A 32 -19.15 5.61 19.16
N ASP A 33 -18.04 5.20 19.79
CA ASP A 33 -17.71 5.73 21.10
C ASP A 33 -16.89 6.96 21.05
N TYR A 34 -16.59 7.53 19.89
CA TYR A 34 -15.74 8.78 19.86
C TYR A 34 -16.42 9.85 20.68
N ARG A 35 -15.59 10.45 21.54
CA ARG A 35 -16.00 11.73 22.20
C ARG A 35 -14.85 12.72 22.23
N ALA A 36 -15.17 13.98 22.18
CA ALA A 36 -14.16 15.04 22.23
C ALA A 36 -13.36 14.85 23.59
N PRO A 37 -12.07 15.21 23.50
CA PRO A 37 -11.24 14.97 24.72
C PRO A 37 -11.64 15.94 25.86
N ASP A 38 -11.43 15.40 27.08
CA ASP A 38 -11.67 16.25 28.27
C ASP A 38 -10.61 17.34 28.39
N TYR A 39 -9.42 17.08 27.90
CA TYR A 39 -8.34 18.08 27.94
C TYR A 39 -7.69 18.20 26.58
N GLN A 40 -7.28 19.42 26.25
CA GLN A 40 -6.41 19.63 25.10
C GLN A 40 -5.01 20.00 25.55
N ILE A 41 -4.02 19.78 24.70
CA ILE A 41 -2.67 20.31 24.86
C ILE A 41 -2.46 21.24 23.72
N THR A 42 -1.99 22.46 23.94
CA THR A 42 -1.84 23.44 22.90
C THR A 42 -0.37 23.54 22.40
N ASP A 43 0.60 23.23 23.30
CA ASP A 43 2.00 23.46 23.08
C ASP A 43 2.73 22.48 23.89
N ILE A 44 3.79 21.89 23.33
CA ILE A 44 4.65 20.93 24.08
C ILE A 44 6.12 21.26 23.71
N ASP A 45 6.94 21.33 24.76
CA ASP A 45 8.34 21.59 24.66
CA ASP A 45 8.32 21.55 24.57
C ASP A 45 9.01 20.29 25.11
N LEU A 46 9.71 19.58 24.22
CA LEU A 46 10.34 18.30 24.52
C LEU A 46 11.84 18.49 24.61
N THR A 47 12.46 17.79 25.58
CA THR A 47 13.93 17.70 25.58
C THR A 47 14.26 16.24 25.62
N PHE A 48 15.18 15.81 24.77
CA PHE A 48 15.71 14.46 24.78
C PHE A 48 17.15 14.44 25.17
N ASP A 49 17.51 13.77 26.27
CA ASP A 49 18.92 13.55 26.57
C ASP A 49 19.18 12.14 26.00
N LEU A 50 19.70 12.12 24.80
CA LEU A 50 19.68 10.90 24.02
C LEU A 50 20.81 9.96 24.33
N ASP A 51 20.50 8.68 24.40
CA ASP A 51 21.49 7.64 24.54
C ASP A 51 20.78 6.34 24.16
N ALA A 52 21.50 5.45 23.45
CA ALA A 52 20.79 4.24 22.98
C ALA A 52 20.32 3.39 24.13
N GLN A 53 21.08 3.33 25.24
CA GLN A 53 20.59 2.47 26.39
C GLN A 53 19.54 3.12 27.25
N LYS A 54 19.70 4.43 27.51
CA LYS A 54 18.78 5.10 28.42
C LYS A 54 18.65 6.55 27.96
N THR A 55 17.47 6.88 27.39
CA THR A 55 17.18 8.26 26.98
C THR A 55 16.26 8.86 27.98
N VAL A 56 16.54 10.10 28.39
CA VAL A 56 15.69 10.80 29.35
C VAL A 56 14.86 11.82 28.59
N VAL A 57 13.55 11.76 28.71
CA VAL A 57 12.64 12.68 27.98
C VAL A 57 12.03 13.64 29.04
N THR A 58 12.13 14.95 28.80
CA THR A 58 11.41 15.95 29.62
C THR A 58 10.39 16.55 28.70
N ALA A 59 9.13 16.59 29.11
CA ALA A 59 8.05 17.06 28.25
C ALA A 59 7.26 18.10 29.05
N VAL A 60 7.22 19.33 28.55
CA VAL A 60 6.47 20.40 29.24
C VAL A 60 5.31 20.78 28.32
N SER A 61 4.11 20.46 28.77
CA SER A 61 2.91 20.67 27.95
C SER A 61 2.04 21.75 28.56
N GLN A 62 1.47 22.59 27.71
CA GLN A 62 0.46 23.57 28.14
C GLN A 62 -0.89 23.01 27.90
N ALA A 63 -1.68 22.74 28.93
CA ALA A 63 -2.95 22.04 28.83
C ALA A 63 -4.08 22.90 29.20
N VAL A 64 -5.28 22.59 28.67
CA VAL A 64 -6.55 23.31 28.92
C VAL A 64 -7.59 22.25 29.12
N ARG A 65 -8.39 22.39 30.17
CA ARG A 65 -9.49 21.49 30.38
C ARG A 65 -10.74 22.01 29.60
N HIS A 66 -11.35 21.08 28.88
CA HIS A 66 -12.60 21.36 28.17
C HIS A 66 -13.77 20.60 28.76
N GLY A 67 -13.53 19.53 29.53
CA GLY A 67 -14.58 18.69 30.04
C GLY A 67 -14.98 19.13 31.41
N ALA A 68 -15.63 18.21 32.18
CA ALA A 68 -16.11 18.54 33.50
C ALA A 68 -14.96 18.85 34.41
N SER A 69 -15.24 19.83 35.27
CA SER A 69 -14.29 20.16 36.36
C SER A 69 -13.64 19.09 37.09
N ASP A 70 -14.32 17.99 37.35
CA ASP A 70 -13.86 16.86 38.10
C ASP A 70 -13.26 15.73 37.26
N ALA A 71 -13.11 15.99 35.96
CA ALA A 71 -12.56 14.90 35.10
C ALA A 71 -11.02 14.84 35.19
N PRO A 72 -10.44 13.64 35.39
CA PRO A 72 -8.96 13.63 35.48
C PRO A 72 -8.40 13.69 34.08
N LEU A 73 -7.15 14.07 34.02
CA LEU A 73 -6.37 14.01 32.75
C LEU A 73 -5.86 12.57 32.64
N ARG A 74 -6.20 11.89 31.54
CA ARG A 74 -5.74 10.49 31.33
CA ARG A 74 -5.76 10.50 31.29
C ARG A 74 -4.73 10.57 30.19
N LEU A 75 -3.47 10.27 30.51
CA LEU A 75 -2.39 10.28 29.53
C LEU A 75 -2.05 8.90 29.13
N ASN A 76 -1.89 8.63 27.87
CA ASN A 76 -1.40 7.29 27.43
C ASN A 76 0.09 7.13 27.60
N GLY A 77 0.55 5.93 28.00
CA GLY A 77 2.02 5.73 28.05
C GLY A 77 2.21 4.24 28.02
N GLU A 78 3.25 3.83 27.32
CA GLU A 78 3.59 2.38 27.27
C GLU A 78 5.11 2.22 27.43
N ASP A 79 5.48 1.34 28.38
CA ASP A 79 6.88 1.01 28.60
C ASP A 79 7.74 2.25 28.90
N LEU A 80 7.18 3.09 29.76
CA LEU A 80 7.90 4.29 30.24
C LEU A 80 8.34 4.14 31.71
N LYS A 81 9.51 4.65 32.06
CA LYS A 81 9.87 4.69 33.51
C LYS A 81 9.62 6.11 33.95
N LEU A 82 8.56 6.33 34.73
CA LEU A 82 8.23 7.71 35.21
C LEU A 82 9.22 8.19 36.22
N VAL A 83 9.79 9.37 36.04
CA VAL A 83 10.72 9.95 37.00
C VAL A 83 10.00 11.00 37.84
N SER A 84 9.20 11.87 37.23
CA SER A 84 8.51 12.91 38.04
C SER A 84 7.36 13.50 37.28
N VAL A 85 6.42 14.07 38.04
CA VAL A 85 5.18 14.72 37.52
CA VAL A 85 5.25 14.74 37.46
C VAL A 85 5.07 16.04 38.24
N HIS A 86 5.06 17.17 37.52
CA HIS A 86 4.81 18.49 38.13
C HIS A 86 3.68 19.19 37.42
N ILE A 87 2.94 19.98 38.18
CA ILE A 87 1.82 20.78 37.58
C ILE A 87 2.12 22.19 38.00
N ASN A 88 2.37 23.08 37.06
CA ASN A 88 2.84 24.47 37.38
C ASN A 88 4.02 24.41 38.34
N ASP A 89 4.99 23.50 38.07
CA ASP A 89 6.24 23.39 38.85
C ASP A 89 6.01 22.82 40.25
N GLU A 90 4.79 22.44 40.59
CA GLU A 90 4.50 21.79 41.90
C GLU A 90 4.59 20.26 41.73
N PRO A 91 5.47 19.54 42.49
CA PRO A 91 5.47 18.09 42.42
C PRO A 91 4.06 17.60 42.77
N TRP A 92 3.48 16.77 41.91
CA TRP A 92 2.07 16.46 42.07
C TRP A 92 1.89 15.18 42.80
N THR A 93 0.92 15.16 43.71
CA THR A 93 0.67 13.94 44.49
C THR A 93 -0.62 13.23 44.07
N ALA A 94 -1.51 13.96 43.33
CA ALA A 94 -2.83 13.41 42.98
C ALA A 94 -2.77 12.74 41.58
N TRP A 95 -2.10 11.60 41.56
CA TRP A 95 -2.01 10.85 40.31
C TRP A 95 -1.86 9.37 40.59
N LYS A 96 -2.11 8.52 39.60
CA LYS A 96 -1.78 7.10 39.71
C LYS A 96 -1.47 6.57 38.36
N GLU A 97 -0.58 5.58 38.28
CA GLU A 97 -0.37 4.87 37.04
C GLU A 97 -1.30 3.68 36.96
N GLU A 98 -1.87 3.43 35.79
CA GLU A 98 -2.67 2.20 35.60
CA GLU A 98 -2.73 2.25 35.53
C GLU A 98 -2.17 1.59 34.28
N GLU A 99 -2.73 0.48 33.88
CA GLU A 99 -2.22 -0.18 32.68
CA GLU A 99 -2.27 -0.18 32.64
C GLU A 99 -2.37 0.79 31.47
N GLY A 100 -1.26 1.10 30.82
CA GLY A 100 -1.30 1.98 29.63
C GLY A 100 -1.44 3.49 29.92
N ALA A 101 -1.51 3.91 31.22
CA ALA A 101 -1.96 5.32 31.44
C ALA A 101 -1.34 5.92 32.68
N LEU A 102 -1.31 7.25 32.73
CA LEU A 102 -1.01 8.02 33.90
C LEU A 102 -2.24 8.86 34.06
N VAL A 103 -2.90 8.73 35.22
CA VAL A 103 -4.20 9.42 35.44
C VAL A 103 -4.00 10.51 36.49
N ILE A 104 -4.19 11.75 36.11
CA ILE A 104 -3.78 12.87 36.98
C ILE A 104 -5.09 13.58 37.38
N SER A 105 -5.34 13.72 38.71
CA SER A 105 -6.59 14.28 39.24
C SER A 105 -6.40 15.70 39.79
N ASN A 106 -7.57 16.36 39.94
CA ASN A 106 -7.68 17.63 40.72
C ASN A 106 -6.89 18.76 40.14
N LEU A 107 -7.07 18.92 38.82
CA LEU A 107 -6.31 19.90 38.10
C LEU A 107 -7.03 21.26 37.95
N PRO A 108 -6.22 22.34 37.75
CA PRO A 108 -6.83 23.63 37.41
C PRO A 108 -7.35 23.55 35.95
N GLU A 109 -8.07 24.59 35.51
CA GLU A 109 -8.62 24.62 34.14
C GLU A 109 -7.49 24.78 33.15
N ARG A 110 -6.40 25.51 33.43
CA ARG A 110 -5.29 25.67 32.54
C ARG A 110 -4.03 25.46 33.37
N PHE A 111 -3.01 24.80 32.83
CA PHE A 111 -1.80 24.51 33.66
C PHE A 111 -0.72 24.01 32.79
N THR A 112 0.48 24.06 33.32
CA THR A 112 1.67 23.48 32.71
C THR A 112 1.98 22.15 33.30
N LEU A 113 1.98 21.10 32.47
CA LEU A 113 2.32 19.73 32.88
C LEU A 113 3.76 19.47 32.57
N LYS A 114 4.56 19.02 33.53
CA LYS A 114 5.96 18.64 33.22
CA LYS A 114 5.96 18.61 33.20
C LYS A 114 6.09 17.16 33.60
N ILE A 115 6.46 16.31 32.65
CA ILE A 115 6.76 14.91 32.91
C ILE A 115 8.22 14.68 32.58
N ILE A 116 8.94 13.92 33.43
CA ILE A 116 10.22 13.38 33.07
C ILE A 116 10.08 11.89 33.09
N ASN A 117 10.58 11.23 32.03
CA ASN A 117 10.51 9.76 32.04
C ASN A 117 11.68 9.20 31.25
N GLU A 118 11.98 7.88 31.40
CA GLU A 118 13.11 7.30 30.69
C GLU A 118 12.53 6.23 29.78
N ILE A 119 13.26 6.03 28.67
CA ILE A 119 12.99 4.97 27.67
C ILE A 119 14.32 4.38 27.23
N SER A 120 14.27 3.24 26.51
CA SER A 120 15.53 2.55 26.15
CA SER A 120 15.46 2.47 26.16
C SER A 120 15.42 2.17 24.67
N PRO A 121 15.99 3.01 23.80
CA PRO A 121 15.84 2.73 22.39
C PRO A 121 16.47 1.42 21.95
N ALA A 122 17.62 1.02 22.50
CA ALA A 122 18.25 -0.20 22.04
C ALA A 122 17.40 -1.41 22.39
N ALA A 123 16.47 -1.33 23.36
CA ALA A 123 15.60 -2.50 23.69
C ALA A 123 14.43 -2.57 22.75
N ASN A 124 14.20 -1.55 21.91
CA ASN A 124 12.95 -1.46 21.15
C ASN A 124 13.03 -2.24 19.85
N THR A 125 12.68 -3.52 19.88
CA THR A 125 12.76 -4.36 18.64
C THR A 125 11.44 -4.25 17.91
N ALA A 126 10.40 -3.67 18.49
CA ALA A 126 9.14 -3.50 17.76
C ALA A 126 9.16 -2.36 16.76
N LEU A 127 10.16 -1.51 16.88
CA LEU A 127 10.36 -0.39 15.90
C LEU A 127 9.17 0.55 15.94
N GLU A 128 8.66 0.82 17.17
CA GLU A 128 7.57 1.78 17.28
CA GLU A 128 7.50 1.67 17.41
C GLU A 128 7.91 2.62 18.53
N GLY A 129 7.90 3.95 18.34
CA GLY A 129 8.44 4.87 19.34
C GLY A 129 9.82 5.28 18.89
N LEU A 130 10.75 5.43 19.85
CA LEU A 130 12.17 5.82 19.55
C LEU A 130 12.98 4.52 19.58
N TYR A 131 13.69 4.21 18.50
CA TYR A 131 14.41 2.98 18.43
C TYR A 131 15.71 3.16 17.67
N GLN A 132 16.51 2.09 17.51
CA GLN A 132 17.77 2.15 16.86
CA GLN A 132 17.79 2.12 16.80
C GLN A 132 17.67 1.51 15.45
N SER A 133 18.22 2.16 14.42
CA SER A 133 18.29 1.58 13.08
C SER A 133 19.74 1.64 12.73
N GLY A 134 20.40 0.46 12.80
CA GLY A 134 21.90 0.44 12.69
C GLY A 134 22.48 1.26 13.83
N ASP A 135 23.24 2.30 13.45
CA ASP A 135 23.81 3.14 14.51
C ASP A 135 23.00 4.38 14.72
N ALA A 136 21.98 4.57 13.91
CA ALA A 136 21.16 5.81 14.07
C ALA A 136 20.02 5.59 15.08
N LEU A 137 19.51 6.67 15.70
CA LEU A 137 18.24 6.61 16.48
C LEU A 137 17.19 7.33 15.63
N CYS A 138 15.99 6.72 15.61
CA CYS A 138 14.92 7.34 14.83
C CYS A 138 13.58 6.97 15.41
N THR A 139 12.54 7.61 14.93
CA THR A 139 11.20 7.35 15.51
C THR A 139 10.22 6.83 14.45
N GLN A 140 9.22 6.11 14.97
CA GLN A 140 7.97 5.89 14.20
C GLN A 140 6.86 6.11 15.21
N CYS A 141 6.01 7.13 14.97
CA CYS A 141 4.97 7.42 15.93
C CYS A 141 3.58 7.06 15.44
N GLU A 142 3.36 6.90 14.16
CA GLU A 142 1.98 6.51 13.75
C GLU A 142 1.84 5.02 13.89
N ALA A 143 0.68 4.50 14.38
CA ALA A 143 -0.43 5.31 14.85
C ALA A 143 -0.30 5.83 16.31
N GLU A 144 0.14 4.91 17.18
CA GLU A 144 0.12 5.22 18.67
C GLU A 144 1.47 4.93 19.22
N GLY A 145 2.55 5.44 18.56
CA GLY A 145 3.88 5.21 19.00
C GLY A 145 4.38 6.35 19.92
N PHE A 146 3.78 7.53 19.88
CA PHE A 146 4.39 8.62 20.71
C PHE A 146 4.19 8.24 22.20
N ARG A 147 3.14 7.50 22.55
CA ARG A 147 2.98 7.11 23.98
C ARG A 147 4.09 6.14 24.42
N HIS A 148 4.91 5.61 23.49
CA HIS A 148 6.11 4.85 23.89
C HIS A 148 7.30 5.75 24.13
N ILE A 149 7.12 7.07 23.94
CA ILE A 149 8.20 8.07 24.16
C ILE A 149 7.89 8.86 25.40
N THR A 150 6.65 9.32 25.66
CA THR A 150 6.33 10.04 26.89
C THR A 150 4.86 9.86 27.16
N TYR A 151 4.37 10.26 28.35
CA TYR A 151 2.94 10.17 28.64
CA TYR A 151 2.95 10.20 28.66
C TYR A 151 2.27 11.34 27.92
N TYR A 152 1.21 11.07 27.14
CA TYR A 152 0.64 12.14 26.33
C TYR A 152 -0.77 11.85 25.92
N LEU A 153 -1.47 12.86 25.37
CA LEU A 153 -2.81 12.62 24.80
C LEU A 153 -2.55 12.09 23.35
N ASP A 154 -2.29 10.80 23.25
CA ASP A 154 -1.81 10.17 22.02
C ASP A 154 -3.08 9.81 21.16
N ARG A 155 -3.71 10.86 20.61
CA ARG A 155 -4.95 10.75 19.83
C ARG A 155 -4.91 11.94 18.90
N PRO A 156 -5.32 11.72 17.62
CA PRO A 156 -4.93 12.71 16.57
C PRO A 156 -5.81 13.95 16.53
N ASP A 157 -6.87 14.02 17.40
CA ASP A 157 -7.64 15.26 17.50
C ASP A 157 -7.01 16.20 18.56
N VAL A 158 -5.86 15.82 19.14
CA VAL A 158 -5.15 16.78 20.04
C VAL A 158 -3.98 17.31 19.19
N LEU A 159 -4.04 18.58 18.75
CA LEU A 159 -2.98 19.17 17.90
CA LEU A 159 -3.08 19.23 17.89
C LEU A 159 -2.26 20.20 18.77
N ALA A 160 -0.93 20.11 18.75
CA ALA A 160 -0.14 21.03 19.60
C ALA A 160 1.06 21.58 18.80
N ARG A 161 1.56 22.74 19.20
CA ARG A 161 2.81 23.27 18.61
C ARG A 161 3.98 22.70 19.33
N PHE A 162 4.88 22.03 18.63
CA PHE A 162 6.04 21.39 19.23
C PHE A 162 7.33 22.16 19.12
N THR A 163 8.14 22.14 20.20
CA THR A 163 9.56 22.48 20.00
CA THR A 163 9.50 22.59 20.17
C THR A 163 10.31 21.38 20.63
N THR A 164 11.43 21.01 20.00
CA THR A 164 12.12 19.80 20.40
C THR A 164 13.62 20.07 20.52
N LYS A 165 14.16 19.88 21.74
CA LYS A 165 15.61 20.05 21.99
C LYS A 165 16.19 18.67 22.11
N ILE A 166 17.31 18.43 21.46
CA ILE A 166 17.93 17.11 21.36
C ILE A 166 19.39 17.32 21.83
N ILE A 167 19.76 16.53 22.83
CA ILE A 167 21.13 16.59 23.37
C ILE A 167 21.78 15.26 23.19
N ALA A 168 23.00 15.17 22.65
CA ALA A 168 23.57 13.85 22.37
C ALA A 168 25.10 13.96 22.23
N ASP A 169 25.72 12.80 22.21
CA ASP A 169 27.16 12.73 21.90
C ASP A 169 27.43 13.20 20.49
N LYS A 170 28.40 14.16 20.30
CA LYS A 170 28.56 14.76 18.99
C LYS A 170 29.21 13.77 18.01
N ILE A 171 30.13 12.92 18.51
CA ILE A 171 30.77 12.02 17.56
C ILE A 171 29.79 10.96 17.04
N LYS A 172 28.99 10.39 17.92
CA LYS A 172 28.07 9.36 17.48
C LYS A 172 26.88 9.95 16.72
N TYR A 173 26.46 11.16 17.13
CA TYR A 173 25.19 11.71 16.57
C TYR A 173 25.45 13.18 16.11
N PRO A 174 26.26 13.32 15.05
CA PRO A 174 26.50 14.68 14.62
C PRO A 174 25.28 15.40 14.03
N PHE A 175 24.30 14.64 13.50
CA PHE A 175 23.10 15.31 13.01
C PHE A 175 21.96 14.97 13.97
N LEU A 176 21.27 16.00 14.46
CA LEU A 176 20.15 15.85 15.40
C LEU A 176 18.98 16.60 14.78
N LEU A 177 17.98 15.85 14.32
CA LEU A 177 16.92 16.40 13.46
C LEU A 177 15.58 16.21 14.15
N SER A 178 14.71 17.21 14.02
CA SER A 178 13.27 16.99 14.33
C SER A 178 12.49 17.87 13.38
N ASN A 179 11.15 17.90 13.56
CA ASN A 179 10.28 18.64 12.58
C ASN A 179 10.58 20.14 12.64
N GLY A 180 10.46 20.79 11.48
CA GLY A 180 10.47 22.25 11.42
C GLY A 180 11.84 22.83 11.09
N ASN A 181 12.13 23.91 11.85
CA ASN A 181 13.34 24.70 11.60
C ASN A 181 14.27 24.67 12.83
N ARG A 182 15.58 24.81 12.61
CA ARG A 182 16.46 24.91 13.78
C ARG A 182 16.37 26.30 14.35
N VAL A 183 16.16 26.39 15.61
CA VAL A 183 16.02 27.71 16.31
C VAL A 183 17.16 27.96 17.33
N ALA A 184 17.89 26.91 17.72
CA ALA A 184 18.95 27.10 18.78
C ALA A 184 19.87 25.95 18.63
N GLN A 185 21.13 26.11 19.01
CA GLN A 185 22.10 25.06 18.99
C GLN A 185 23.24 25.45 19.92
N GLY A 186 23.88 24.42 20.47
CA GLY A 186 25.00 24.72 21.39
C GLY A 186 25.85 23.50 21.62
N GLU A 187 27.03 23.75 22.23
CA GLU A 187 27.96 22.70 22.57
C GLU A 187 28.01 22.62 24.10
N LEU A 188 28.26 21.40 24.57
CA LEU A 188 28.31 21.16 26.01
C LEU A 188 29.63 20.45 26.35
N GLU A 189 29.81 20.30 27.67
CA GLU A 189 31.06 19.54 28.07
C GLU A 189 30.89 18.04 27.75
N ASN A 190 32.03 17.33 27.84
CA ASN A 190 32.06 15.86 27.72
C ASN A 190 31.58 15.44 26.31
N GLY A 191 31.91 16.25 25.28
CA GLY A 191 31.73 15.88 23.87
C GLY A 191 30.21 15.82 23.47
N ARG A 192 29.33 16.48 24.20
CA ARG A 192 27.92 16.50 23.81
CA ARG A 192 27.93 16.48 23.81
C ARG A 192 27.59 17.81 23.11
N HIS A 193 26.53 17.82 22.32
CA HIS A 193 26.04 19.03 21.71
C HIS A 193 24.50 18.95 21.64
N TRP A 194 23.87 20.04 21.26
CA TRP A 194 22.39 20.01 21.24
C TRP A 194 21.89 20.91 20.13
N VAL A 195 20.67 20.62 19.68
CA VAL A 195 20.00 21.43 18.67
C VAL A 195 18.57 21.51 19.10
N GLN A 196 17.91 22.65 18.88
CA GLN A 196 16.46 22.77 19.16
C GLN A 196 15.74 23.16 17.88
N TRP A 197 14.62 22.51 17.66
CA TRP A 197 13.77 22.67 16.49
C TRP A 197 12.44 23.22 16.88
N GLN A 198 11.81 23.98 16.00
CA GLN A 198 10.47 24.50 16.24
CA GLN A 198 10.40 24.44 16.26
C GLN A 198 9.65 24.26 14.93
N ASP A 199 8.44 23.72 15.08
CA ASP A 199 7.54 23.54 13.90
C ASP A 199 6.29 24.42 14.21
N PRO A 200 6.05 25.46 13.40
CA PRO A 200 4.95 26.38 13.72
C PRO A 200 3.57 25.77 13.55
N PHE A 201 3.43 24.63 12.79
CA PHE A 201 2.07 24.15 12.57
C PHE A 201 1.68 23.16 13.66
N PRO A 202 0.55 23.44 14.30
CA PRO A 202 0.05 22.45 15.30
C PRO A 202 -0.10 21.09 14.66
N LYS A 203 0.26 20.04 15.40
CA LYS A 203 0.11 18.70 14.84
CA LYS A 203 0.28 18.68 14.86
C LYS A 203 -0.25 17.71 15.89
N PRO A 204 -0.93 16.66 15.47
CA PRO A 204 -1.05 15.48 16.37
C PRO A 204 0.32 14.83 16.54
N CYS A 205 0.44 14.10 17.68
CA CYS A 205 1.77 13.59 17.99
C CYS A 205 2.24 12.47 17.07
N TYR A 206 1.28 11.86 16.31
CA TYR A 206 1.76 10.81 15.37
C TYR A 206 2.66 11.36 14.28
N LEU A 207 2.70 12.69 14.13
CA LEU A 207 3.53 13.31 13.09
C LEU A 207 4.86 13.81 13.68
N PHE A 208 5.11 13.60 14.97
CA PHE A 208 6.41 13.94 15.58
C PHE A 208 7.47 13.02 14.97
N ALA A 209 8.68 13.56 14.74
CA ALA A 209 9.81 12.70 14.39
C ALA A 209 11.10 13.26 15.00
N LEU A 210 12.01 12.32 15.29
CA LEU A 210 13.37 12.64 15.73
C LEU A 210 14.30 11.72 15.06
N VAL A 211 15.44 12.21 14.59
CA VAL A 211 16.50 11.35 14.00
C VAL A 211 17.82 11.85 14.57
N ALA A 212 18.68 10.90 14.97
CA ALA A 212 20.04 11.29 15.39
C ALA A 212 20.99 10.29 14.76
N GLY A 213 22.10 10.81 14.17
CA GLY A 213 23.03 9.83 13.57
C GLY A 213 24.03 10.57 12.73
N ASP A 214 24.83 9.78 12.04
CA ASP A 214 25.88 10.31 11.12
C ASP A 214 25.44 9.88 9.69
N PHE A 215 25.33 10.81 8.78
CA PHE A 215 24.78 10.57 7.46
C PHE A 215 25.63 11.30 6.43
N ASP A 216 25.56 10.85 5.19
CA ASP A 216 25.83 11.71 4.05
C ASP A 216 24.52 12.45 3.70
N VAL A 217 24.60 13.64 3.15
CA VAL A 217 23.43 14.48 2.93
C VAL A 217 23.49 14.99 1.49
N LEU A 218 22.47 14.70 0.71
CA LEU A 218 22.30 15.32 -0.63
C LEU A 218 21.40 16.52 -0.45
N ARG A 219 21.90 17.70 -0.87
CA ARG A 219 21.19 18.94 -0.63
C ARG A 219 20.82 19.55 -1.96
N ASP A 220 19.60 20.06 -2.04
CA ASP A 220 19.11 20.67 -3.29
C ASP A 220 18.09 21.76 -2.92
N THR A 221 17.45 22.36 -3.93
CA THR A 221 16.45 23.39 -3.59
CA THR A 221 16.45 23.41 -3.60
C THR A 221 15.29 23.23 -4.55
N PHE A 222 14.11 23.61 -4.05
CA PHE A 222 12.99 23.74 -4.95
C PHE A 222 12.36 25.11 -4.70
N THR A 223 12.07 25.86 -5.77
CA THR A 223 11.39 27.12 -5.51
C THR A 223 9.90 26.93 -5.95
N THR A 224 9.03 27.25 -5.00
CA THR A 224 7.61 27.07 -5.26
C THR A 224 7.10 28.06 -6.35
N ARG A 225 5.90 27.83 -6.84
CA ARG A 225 5.50 28.71 -7.93
CA ARG A 225 5.32 28.69 -7.85
C ARG A 225 5.33 30.16 -7.41
N SER A 226 5.05 30.39 -6.16
CA SER A 226 4.91 31.81 -5.64
C SER A 226 6.25 32.33 -5.19
N GLY A 227 7.32 31.54 -5.29
CA GLY A 227 8.72 32.03 -5.05
C GLY A 227 9.25 31.61 -3.69
N ARG A 228 8.61 30.73 -2.94
CA ARG A 228 9.19 30.33 -1.63
C ARG A 228 10.36 29.36 -1.94
N GLU A 229 11.58 29.60 -1.41
CA GLU A 229 12.74 28.74 -1.67
CA GLU A 229 12.61 28.59 -1.79
C GLU A 229 12.74 27.63 -0.62
N VAL A 230 12.71 26.38 -1.02
CA VAL A 230 12.71 25.31 0.01
C VAL A 230 14.03 24.58 -0.08
N ALA A 231 14.69 24.40 1.06
CA ALA A 231 15.90 23.58 1.09
C ALA A 231 15.49 22.11 1.19
N LEU A 232 15.96 21.32 0.26
CA LEU A 232 15.69 19.84 0.25
C LEU A 232 16.89 19.11 0.77
N GLU A 233 16.75 18.19 1.75
CA GLU A 233 17.91 17.52 2.33
C GLU A 233 17.54 16.05 2.44
N LEU A 234 18.32 15.19 1.80
CA LEU A 234 18.10 13.72 1.80
C LEU A 234 19.30 13.15 2.56
N TYR A 235 19.03 12.54 3.75
CA TYR A 235 20.01 11.95 4.62
C TYR A 235 20.09 10.47 4.35
N VAL A 236 21.26 9.94 4.04
CA VAL A 236 21.45 8.52 3.79
C VAL A 236 22.63 8.02 4.51
N ASP A 237 22.73 6.71 4.74
CA ASP A 237 23.95 6.21 5.39
C ASP A 237 25.22 6.60 4.60
N ARG A 238 26.32 6.76 5.36
CA ARG A 238 27.55 7.12 4.68
C ARG A 238 27.89 6.11 3.58
N GLY A 239 28.22 6.70 2.42
CA GLY A 239 28.63 5.89 1.27
C GLY A 239 27.50 5.63 0.32
N ASN A 240 26.30 6.15 0.61
CA ASN A 240 25.13 5.87 -0.28
C ASN A 240 24.69 7.01 -1.11
N LEU A 241 25.48 8.09 -1.18
CA LEU A 241 25.11 9.23 -2.01
C LEU A 241 24.94 8.87 -3.49
N ASP A 242 25.60 7.76 -3.95
CA ASP A 242 25.40 7.34 -5.34
C ASP A 242 24.01 6.87 -5.65
N ARG A 243 23.26 6.61 -4.57
CA ARG A 243 21.93 6.04 -4.80
C ARG A 243 20.85 7.06 -4.43
N ALA A 244 21.19 8.34 -4.20
CA ALA A 244 20.25 9.34 -3.71
C ALA A 244 19.56 10.27 -4.79
N PRO A 245 20.19 10.52 -5.99
CA PRO A 245 19.61 11.51 -6.86
C PRO A 245 18.20 11.24 -7.41
N TRP A 246 17.85 9.95 -7.70
CA TRP A 246 16.52 9.72 -8.22
C TRP A 246 15.40 10.12 -7.17
N ALA A 247 15.67 9.79 -5.91
CA ALA A 247 14.69 10.19 -4.83
C ALA A 247 14.53 11.71 -4.77
N MET A 248 15.70 12.37 -4.91
CA MET A 248 15.63 13.87 -4.88
C MET A 248 14.90 14.43 -6.09
N THR A 249 15.19 13.80 -7.27
CA THR A 249 14.45 14.22 -8.48
C THR A 249 12.93 14.01 -8.32
N SER A 250 12.60 12.80 -7.74
CA SER A 250 11.15 12.50 -7.56
C SER A 250 10.49 13.44 -6.55
N LEU A 251 11.26 13.90 -5.52
CA LEU A 251 10.67 14.87 -4.59
C LEU A 251 10.32 16.17 -5.35
N LYS A 252 11.32 16.65 -6.14
CA LYS A 252 11.01 17.88 -6.90
C LYS A 252 9.85 17.69 -7.88
N ASN A 253 9.78 16.45 -8.51
CA ASN A 253 8.71 16.22 -9.41
C ASN A 253 7.36 16.23 -8.67
N SER A 254 7.36 15.66 -7.45
CA SER A 254 6.13 15.64 -6.62
CA SER A 254 6.07 15.64 -6.72
C SER A 254 5.67 17.04 -6.23
N MET A 255 6.67 17.89 -5.85
CA MET A 255 6.30 19.26 -5.46
C MET A 255 5.74 20.02 -6.67
N LYS A 256 6.36 19.86 -7.83
CA LYS A 256 5.82 20.54 -9.03
C LYS A 256 4.42 20.04 -9.42
N TRP A 257 4.26 18.69 -9.34
CA TRP A 257 2.96 18.18 -9.74
C TRP A 257 1.84 18.62 -8.80
N ASP A 258 2.12 18.64 -7.47
CA ASP A 258 1.03 18.98 -6.59
C ASP A 258 0.63 20.48 -6.85
N GLU A 259 1.64 21.34 -7.24
CA GLU A 259 1.25 22.71 -7.62
C GLU A 259 0.41 22.70 -8.90
N GLU A 260 0.87 21.95 -9.93
CA GLU A 260 0.14 22.01 -11.22
C GLU A 260 -1.24 21.42 -11.14
N ARG A 261 -1.36 20.24 -10.49
CA ARG A 261 -2.65 19.54 -10.54
C ARG A 261 -3.61 19.96 -9.44
N PHE A 262 -3.10 20.13 -8.18
CA PHE A 262 -3.98 20.44 -7.07
C PHE A 262 -3.81 21.90 -6.54
N GLY A 263 -2.86 22.63 -7.13
CA GLY A 263 -2.69 24.00 -6.66
C GLY A 263 -2.06 24.14 -5.26
N LEU A 264 -1.34 23.11 -4.83
CA LEU A 264 -0.85 23.07 -3.42
C LEU A 264 0.66 23.29 -3.45
N GLU A 265 1.14 24.19 -2.57
CA GLU A 265 2.60 24.41 -2.42
C GLU A 265 3.05 23.92 -1.03
N TYR A 266 4.35 23.58 -0.99
CA TYR A 266 4.90 23.26 0.35
C TYR A 266 4.89 24.57 1.21
N ASP A 267 4.81 24.32 2.52
CA ASP A 267 4.43 25.38 3.49
C ASP A 267 5.58 25.66 4.49
N LEU A 268 6.72 24.98 4.39
CA LEU A 268 7.80 25.18 5.32
C LEU A 268 9.04 25.52 4.50
N ASP A 269 10.16 25.71 5.23
CA ASP A 269 11.38 26.17 4.63
C ASP A 269 12.38 25.10 4.26
N ILE A 270 12.24 23.94 4.89
CA ILE A 270 13.15 22.85 4.80
CA ILE A 270 13.17 22.81 4.73
C ILE A 270 12.31 21.60 4.57
N TYR A 271 12.73 20.71 3.69
CA TYR A 271 12.03 19.41 3.55
C TYR A 271 13.14 18.36 3.74
N MET A 272 13.08 17.60 4.86
CA MET A 272 14.12 16.58 5.07
C MET A 272 13.48 15.21 4.86
N ILE A 273 14.25 14.33 4.30
CA ILE A 273 13.96 12.89 4.21
C ILE A 273 15.14 12.11 4.70
N VAL A 274 14.89 11.19 5.61
CA VAL A 274 15.97 10.31 6.10
C VAL A 274 15.68 8.89 5.71
N ALA A 275 16.63 8.24 5.05
CA ALA A 275 16.47 6.81 4.66
C ALA A 275 17.07 5.89 5.73
N VAL A 276 16.24 5.04 6.34
CA VAL A 276 16.75 4.14 7.39
C VAL A 276 16.50 2.70 6.93
N ASP A 277 17.34 1.77 7.39
CA ASP A 277 17.23 0.36 6.95
C ASP A 277 16.19 -0.43 7.72
N PHE A 278 15.88 0.02 8.95
CA PHE A 278 15.01 -0.81 9.83
C PHE A 278 13.72 0.00 10.03
N PHE A 279 12.64 -0.44 9.38
CA PHE A 279 11.41 0.39 9.35
C PHE A 279 10.26 -0.51 9.02
N ASN A 280 9.18 -0.39 9.80
CA ASN A 280 8.00 -1.19 9.57
CA ASN A 280 8.02 -1.24 9.50
C ASN A 280 7.06 -0.71 8.44
N MET A 281 6.89 0.62 8.26
CA MET A 281 5.61 1.23 7.62
C MET A 281 5.93 1.73 6.26
N GLY A 282 7.04 1.33 5.57
CA GLY A 282 7.20 1.79 4.16
C GLY A 282 7.93 3.19 4.14
N ALA A 283 7.17 4.20 4.50
CA ALA A 283 7.71 5.55 4.69
C ALA A 283 6.67 6.31 5.48
N MET A 284 7.04 7.52 5.94
CA MET A 284 6.16 8.19 6.88
C MET A 284 6.23 9.71 6.71
N GLU A 285 5.07 10.36 6.68
CA GLU A 285 4.95 11.79 6.31
C GLU A 285 5.18 12.76 7.48
N ASN A 286 6.06 12.42 8.45
CA ASN A 286 6.17 13.38 9.59
C ASN A 286 6.51 14.79 9.03
N LYS A 287 5.89 15.80 9.64
CA LYS A 287 5.91 17.14 8.99
C LYS A 287 7.35 17.66 8.84
N GLY A 288 7.73 17.91 7.57
CA GLY A 288 9.04 18.44 7.29
C GLY A 288 10.21 17.49 7.52
N LEU A 289 10.00 16.25 8.05
CA LEU A 289 11.09 15.31 8.37
C LEU A 289 10.49 13.94 8.12
N ASN A 290 10.35 13.61 6.82
CA ASN A 290 9.83 12.27 6.52
C ASN A 290 10.89 11.23 6.80
N ILE A 291 10.48 10.07 7.29
CA ILE A 291 11.43 8.94 7.55
C ILE A 291 10.99 7.80 6.59
N PHE A 292 11.93 7.32 5.79
CA PHE A 292 11.62 6.34 4.77
C PHE A 292 12.41 5.07 5.00
N ASN A 293 11.77 3.91 4.74
CA ASN A 293 12.61 2.69 4.57
C ASN A 293 13.51 2.97 3.36
N SER A 294 14.79 2.60 3.48
CA SER A 294 15.69 2.85 2.35
CA SER A 294 15.72 2.76 2.37
C SER A 294 15.28 2.12 1.07
N LYS A 295 14.42 1.09 1.15
CA LYS A 295 13.90 0.52 -0.14
CA LYS A 295 13.88 0.51 -0.11
C LYS A 295 13.17 1.53 -1.00
N TYR A 296 12.59 2.60 -0.38
CA TYR A 296 11.85 3.55 -1.16
C TYR A 296 12.62 4.88 -1.33
N VAL A 297 13.95 4.76 -1.21
CA VAL A 297 14.82 5.92 -1.51
C VAL A 297 15.97 5.43 -2.43
N LEU A 298 16.70 4.36 -2.09
CA LEU A 298 18.01 4.19 -2.75
C LEU A 298 17.90 3.45 -4.09
N ALA A 299 18.48 4.08 -5.14
CA ALA A 299 18.43 3.42 -6.46
C ALA A 299 19.62 3.86 -7.29
N ARG A 300 20.17 2.88 -8.01
CA ARG A 300 21.13 3.21 -9.14
C ARG A 300 20.89 2.15 -10.13
N THR A 301 21.39 2.30 -11.36
CA THR A 301 20.85 1.48 -12.43
CA THR A 301 21.00 1.46 -12.49
C THR A 301 21.31 0.01 -12.27
N ASP A 302 22.41 -0.26 -11.58
CA ASP A 302 22.86 -1.62 -11.38
CA ASP A 302 22.83 -1.63 -11.42
C ASP A 302 22.19 -2.32 -10.19
N THR A 303 21.52 -1.57 -9.32
CA THR A 303 20.96 -2.17 -8.07
C THR A 303 19.41 -2.17 -8.12
N ALA A 304 18.80 -1.33 -8.94
CA ALA A 304 17.34 -1.10 -8.83
C ALA A 304 16.74 -1.33 -10.17
N THR A 305 15.52 -1.90 -10.19
CA THR A 305 14.78 -2.15 -11.43
C THR A 305 13.89 -0.99 -11.80
N ASP A 306 13.31 -1.00 -12.98
CA ASP A 306 12.35 0.01 -13.40
C ASP A 306 11.24 0.10 -12.34
N LYS A 307 10.77 -1.06 -11.87
CA LYS A 307 9.69 -1.03 -10.88
C LYS A 307 10.20 -0.40 -9.59
N ASP A 308 11.43 -0.62 -9.17
CA ASP A 308 11.95 0.08 -7.97
C ASP A 308 11.94 1.60 -8.24
N TYR A 309 12.40 2.04 -9.43
CA TYR A 309 12.38 3.50 -9.66
C TYR A 309 10.96 4.02 -9.57
N LEU A 310 9.97 3.35 -10.19
CA LEU A 310 8.61 3.91 -10.17
C LEU A 310 8.03 3.75 -8.75
N ASP A 311 8.43 2.75 -7.95
CA ASP A 311 7.93 2.67 -6.54
C ASP A 311 8.55 3.80 -5.72
N ILE A 312 9.82 4.15 -5.95
CA ILE A 312 10.41 5.31 -5.23
C ILE A 312 9.67 6.56 -5.62
N GLU A 313 9.37 6.74 -6.92
CA GLU A 313 8.62 7.90 -7.34
C GLU A 313 7.24 7.96 -6.63
N ARG A 314 6.52 6.77 -6.59
N ARG A 314 6.52 6.83 -6.61
CA ARG A 314 5.21 6.72 -6.00
CA ARG A 314 5.18 6.89 -6.07
C ARG A 314 5.29 7.08 -4.51
C ARG A 314 5.23 7.07 -4.51
N VAL A 315 6.19 6.48 -3.76
CA VAL A 315 6.20 6.64 -2.29
C VAL A 315 6.76 7.98 -1.89
N ILE A 316 7.82 8.49 -2.59
CA ILE A 316 8.21 9.89 -2.32
C ILE A 316 7.02 10.77 -2.54
N GLY A 317 6.29 10.61 -3.67
CA GLY A 317 5.14 11.44 -3.97
C GLY A 317 4.08 11.29 -2.84
N HIS A 318 3.76 10.02 -2.51
CA HIS A 318 2.73 9.76 -1.48
C HIS A 318 3.02 10.54 -0.17
N GLU A 319 4.25 10.40 0.34
CA GLU A 319 4.52 11.08 1.64
C GLU A 319 4.48 12.61 1.44
N TYR A 320 4.95 13.13 0.29
CA TYR A 320 4.87 14.56 0.07
C TYR A 320 3.40 14.97 0.00
N PHE A 321 2.51 14.21 -0.68
CA PHE A 321 1.12 14.59 -0.82
C PHE A 321 0.37 14.63 0.53
N HIS A 322 0.85 13.79 1.47
CA HIS A 322 0.25 13.85 2.83
C HIS A 322 0.51 15.21 3.50
N ASN A 323 1.47 16.03 2.96
CA ASN A 323 1.64 17.33 3.63
C ASN A 323 0.31 18.08 3.73
N TRP A 324 -0.53 17.99 2.69
CA TRP A 324 -1.85 18.60 2.75
C TRP A 324 -2.89 17.57 3.19
N THR A 325 -2.91 16.39 2.52
CA THR A 325 -3.98 15.45 2.85
C THR A 325 -3.47 14.46 3.93
N GLY A 326 -3.50 14.97 5.17
CA GLY A 326 -2.98 14.22 6.29
C GLY A 326 -2.41 15.15 7.38
N ASN A 327 -1.59 16.14 6.91
CA ASN A 327 -0.87 17.01 7.90
C ASN A 327 -1.65 18.32 8.06
N ARG A 328 -1.77 19.12 6.99
CA ARG A 328 -2.54 20.35 7.18
C ARG A 328 -3.98 20.07 7.54
N VAL A 329 -4.62 18.99 6.98
CA VAL A 329 -5.87 18.49 7.53
C VAL A 329 -5.53 17.07 7.97
N THR A 330 -5.76 16.79 9.26
CA THR A 330 -5.49 15.49 9.82
C THR A 330 -6.78 14.71 10.15
N CYS A 331 -6.61 13.61 10.91
CA CYS A 331 -7.78 12.74 11.20
C CYS A 331 -8.28 12.94 12.62
N ARG A 332 -9.59 13.05 12.76
CA ARG A 332 -10.15 13.25 14.14
C ARG A 332 -9.90 12.06 15.00
N ASP A 333 -9.87 10.84 14.45
CA ASP A 333 -9.68 9.62 15.20
C ASP A 333 -9.19 8.59 14.16
N TRP A 334 -8.68 7.48 14.64
CA TRP A 334 -8.05 6.52 13.72
C TRP A 334 -9.05 5.78 12.89
N PHE A 335 -10.33 5.75 13.25
CA PHE A 335 -11.29 5.12 12.33
C PHE A 335 -11.40 5.94 11.09
N GLN A 336 -10.95 7.21 11.07
CA GLN A 336 -10.97 8.04 9.88
C GLN A 336 -9.65 7.89 9.07
N LEU A 337 -8.85 6.85 9.29
CA LEU A 337 -7.57 6.75 8.55
C LEU A 337 -7.72 6.92 7.05
N SER A 338 -8.79 6.35 6.42
CA SER A 338 -8.90 6.50 4.97
C SER A 338 -9.06 7.93 4.50
N LEU A 339 -9.55 8.84 5.37
CA LEU A 339 -9.65 10.24 5.01
C LEU A 339 -8.29 10.71 4.46
N LYS A 340 -7.18 10.32 5.12
CA LYS A 340 -5.87 10.71 4.55
C LYS A 340 -5.33 9.60 3.66
N GLU A 341 -5.60 8.29 3.92
CA GLU A 341 -4.88 7.29 3.10
C GLU A 341 -5.63 7.06 1.78
N GLY A 342 -6.94 6.93 1.73
CA GLY A 342 -7.58 6.75 0.39
C GLY A 342 -7.20 7.94 -0.48
N LEU A 343 -7.33 9.18 0.09
CA LEU A 343 -7.11 10.38 -0.72
C LEU A 343 -5.63 10.51 -1.13
N THR A 344 -4.71 10.13 -0.22
CA THR A 344 -3.30 10.28 -0.60
C THR A 344 -2.87 9.17 -1.58
N VAL A 345 -3.40 7.93 -1.45
CA VAL A 345 -3.14 6.90 -2.47
C VAL A 345 -3.76 7.42 -3.77
N PHE A 346 -5.00 7.96 -3.81
CA PHE A 346 -5.51 8.49 -5.09
C PHE A 346 -4.54 9.56 -5.66
N ARG A 347 -4.04 10.45 -4.82
CA ARG A 347 -3.11 11.44 -5.29
C ARG A 347 -1.81 10.79 -5.82
N ASP A 348 -1.24 9.77 -5.15
CA ASP A 348 -0.02 9.18 -5.67
C ASP A 348 -0.32 8.47 -7.03
N GLN A 349 -1.53 7.89 -7.16
CA GLN A 349 -1.83 7.20 -8.45
C GLN A 349 -2.02 8.23 -9.55
N GLU A 350 -2.63 9.39 -9.25
CA GLU A 350 -2.79 10.45 -10.25
C GLU A 350 -1.43 11.05 -10.63
N PHE A 351 -0.54 11.16 -9.67
CA PHE A 351 0.84 11.66 -9.95
C PHE A 351 1.55 10.68 -10.87
N SER A 352 1.59 9.39 -10.49
CA SER A 352 2.29 8.43 -11.36
C SER A 352 1.64 8.36 -12.71
N SER A 353 0.31 8.39 -12.75
CA SER A 353 -0.41 8.25 -14.07
C SER A 353 -0.18 9.49 -14.97
N ASP A 354 -0.15 10.72 -14.34
CA ASP A 354 0.13 11.91 -15.21
C ASP A 354 1.58 11.85 -15.66
N LEU A 355 2.56 11.47 -14.87
CA LEU A 355 3.93 11.53 -15.32
C LEU A 355 4.28 10.39 -16.27
N GLY A 356 3.66 9.24 -16.05
CA GLY A 356 4.01 8.02 -16.79
C GLY A 356 2.87 7.57 -17.69
N SER A 357 2.71 6.24 -17.75
CA SER A 357 1.58 5.70 -18.54
C SER A 357 0.32 5.54 -17.66
N ARG A 358 -0.69 6.33 -17.95
CA ARG A 358 -1.92 6.21 -17.18
C ARG A 358 -2.51 4.78 -17.32
N ALA A 359 -2.48 4.23 -18.56
CA ALA A 359 -3.10 2.89 -18.67
C ALA A 359 -2.32 1.85 -17.89
N VAL A 360 -0.97 1.85 -17.87
CA VAL A 360 -0.22 0.85 -17.12
C VAL A 360 -0.50 1.03 -15.61
N ASN A 361 -0.54 2.31 -15.12
CA ASN A 361 -0.83 2.51 -13.71
C ASN A 361 -2.25 2.00 -13.38
N ARG A 362 -3.24 2.29 -14.21
CA ARG A 362 -4.62 1.86 -13.92
C ARG A 362 -4.64 0.32 -13.90
N ILE A 363 -4.04 -0.30 -14.93
CA ILE A 363 -4.01 -1.78 -15.00
C ILE A 363 -3.40 -2.33 -13.73
N ASN A 364 -2.24 -1.83 -13.28
CA ASN A 364 -1.60 -2.40 -12.11
C ASN A 364 -2.42 -2.15 -10.86
N ASN A 365 -3.06 -0.97 -10.77
CA ASN A 365 -3.88 -0.77 -9.54
C ASN A 365 -5.12 -1.64 -9.51
N VAL A 366 -5.65 -1.97 -10.70
CA VAL A 366 -6.80 -2.87 -10.78
C VAL A 366 -6.31 -4.29 -10.46
N ARG A 367 -5.13 -4.72 -10.91
CA ARG A 367 -4.66 -6.08 -10.52
CA ARG A 367 -4.54 -6.05 -10.51
C ARG A 367 -4.53 -6.12 -8.96
N THR A 368 -4.05 -5.06 -8.30
CA THR A 368 -3.95 -5.11 -6.82
C THR A 368 -5.34 -5.17 -6.22
N MET A 369 -6.29 -4.46 -6.73
CA MET A 369 -7.68 -4.48 -6.20
C MET A 369 -8.26 -5.90 -6.35
N ARG A 370 -8.22 -6.46 -7.61
CA ARG A 370 -8.99 -7.70 -7.80
CA ARG A 370 -8.81 -7.79 -7.99
C ARG A 370 -8.22 -8.89 -7.22
N GLY A 371 -6.90 -8.93 -7.12
N GLY A 371 -6.87 -8.84 -7.17
CA GLY A 371 -6.44 -10.09 -6.39
CA GLY A 371 -6.07 -9.93 -6.72
C GLY A 371 -6.43 -9.73 -4.92
C GLY A 371 -5.66 -9.99 -5.25
N LEU A 372 -5.51 -8.85 -4.62
CA LEU A 372 -5.16 -8.77 -3.20
C LEU A 372 -6.28 -8.14 -2.39
N GLN A 373 -6.86 -7.03 -2.80
CA GLN A 373 -7.86 -6.40 -1.89
C GLN A 373 -9.16 -7.19 -1.84
N PHE A 374 -9.66 -7.68 -3.00
CA PHE A 374 -10.84 -8.51 -2.94
C PHE A 374 -10.67 -9.72 -1.95
N ALA A 375 -9.48 -10.30 -1.95
CA ALA A 375 -9.18 -11.43 -1.04
C ALA A 375 -9.38 -10.95 0.41
N GLU A 376 -8.90 -9.75 0.74
CA GLU A 376 -9.08 -9.28 2.13
C GLU A 376 -10.55 -9.04 2.41
N ASP A 377 -11.34 -8.51 1.48
CA ASP A 377 -12.78 -8.24 1.69
C ASP A 377 -13.63 -9.57 1.81
N ALA A 378 -12.97 -10.68 1.39
CA ALA A 378 -13.66 -12.03 1.46
C ALA A 378 -13.05 -12.75 2.69
N SER A 379 -12.29 -12.09 3.57
CA SER A 379 -11.59 -12.80 4.65
C SER A 379 -12.19 -12.44 6.01
N PRO A 380 -11.67 -13.12 7.07
CA PRO A 380 -12.16 -12.76 8.41
C PRO A 380 -11.81 -11.37 8.85
N MET A 381 -10.80 -10.77 8.19
CA MET A 381 -10.41 -9.39 8.58
C MET A 381 -11.17 -8.36 7.79
N ALA A 382 -12.25 -8.69 7.03
CA ALA A 382 -12.94 -7.69 6.23
C ALA A 382 -13.42 -6.52 7.08
N HIS A 383 -13.31 -5.31 6.51
CA HIS A 383 -13.82 -4.13 7.26
C HIS A 383 -14.19 -3.11 6.24
N PRO A 384 -15.04 -2.15 6.54
CA PRO A 384 -15.30 -1.01 5.66
C PRO A 384 -14.03 -0.10 5.61
N ILE A 385 -13.99 0.76 4.58
CA ILE A 385 -12.79 1.61 4.49
C ILE A 385 -12.76 2.58 5.74
N ARG A 386 -13.92 2.83 6.37
CA ARG A 386 -13.93 3.53 7.69
C ARG A 386 -14.31 2.44 8.69
N PRO A 387 -13.38 1.80 9.40
CA PRO A 387 -13.79 0.67 10.30
C PRO A 387 -14.71 1.19 11.43
N ASP A 388 -15.47 0.19 11.90
CA ASP A 388 -16.31 0.47 13.11
C ASP A 388 -15.71 -0.11 14.38
N MET A 389 -14.83 -1.06 14.31
CA MET A 389 -14.28 -1.76 15.52
C MET A 389 -12.84 -2.09 15.22
N VAL A 390 -11.95 -1.71 16.15
CA VAL A 390 -10.53 -2.05 16.03
CA VAL A 390 -10.56 -2.13 16.02
C VAL A 390 -10.02 -2.52 17.38
N ILE A 391 -9.20 -3.57 17.42
CA ILE A 391 -8.47 -3.91 18.65
C ILE A 391 -7.08 -3.27 18.58
N GLU A 392 -6.35 -3.55 17.48
CA GLU A 392 -4.99 -3.01 17.35
C GLU A 392 -4.97 -2.15 16.06
N MET A 393 -4.93 -0.82 16.20
CA MET A 393 -5.06 0.01 15.04
C MET A 393 -3.88 -0.26 14.01
N ASN A 394 -2.74 -0.78 14.44
CA ASN A 394 -1.74 -1.03 13.38
C ASN A 394 -2.19 -2.14 12.42
N ASN A 395 -3.22 -2.91 12.82
CA ASN A 395 -3.76 -3.96 11.88
C ASN A 395 -4.66 -3.34 10.79
N PHE A 396 -4.91 -2.05 10.81
CA PHE A 396 -5.82 -1.45 9.84
C PHE A 396 -5.20 -0.53 8.80
N TYR A 397 -3.89 -0.76 8.64
CA TYR A 397 -3.18 -0.06 7.54
C TYR A 397 -3.21 -0.98 6.36
N THR A 398 -4.40 -1.05 5.75
CA THR A 398 -4.72 -2.23 4.91
C THR A 398 -4.94 -1.89 3.45
N LEU A 399 -4.90 -2.93 2.60
CA LEU A 399 -5.33 -2.80 1.20
C LEU A 399 -6.70 -2.15 1.14
N THR A 400 -7.64 -2.49 2.10
CA THR A 400 -8.97 -1.89 2.09
C THR A 400 -8.89 -0.36 2.36
N VAL A 401 -8.24 0.01 3.47
CA VAL A 401 -8.23 1.46 3.79
C VAL A 401 -7.48 2.32 2.75
N TYR A 402 -6.43 1.71 2.22
CA TYR A 402 -5.56 2.44 1.22
C TYR A 402 -6.12 2.32 -0.19
N GLU A 403 -6.02 1.07 -0.72
CA GLU A 403 -6.36 0.91 -2.16
CA GLU A 403 -6.33 0.77 -2.12
C GLU A 403 -7.84 0.97 -2.43
N LYS A 404 -8.69 0.25 -1.64
CA LYS A 404 -10.14 0.43 -1.82
C LYS A 404 -10.56 1.92 -1.47
N GLY A 405 -9.89 2.48 -0.41
CA GLY A 405 -10.15 3.88 -0.06
C GLY A 405 -9.91 4.76 -1.33
N ALA A 406 -8.77 4.50 -2.08
CA ALA A 406 -8.53 5.33 -3.24
C ALA A 406 -9.58 5.08 -4.32
N GLU A 407 -10.04 3.80 -4.48
CA GLU A 407 -11.13 3.58 -5.44
C GLU A 407 -12.39 4.35 -5.10
N VAL A 408 -12.67 4.53 -3.79
CA VAL A 408 -13.81 5.32 -3.40
C VAL A 408 -13.61 6.83 -3.73
N ILE A 409 -12.41 7.33 -3.46
CA ILE A 409 -12.13 8.70 -3.89
C ILE A 409 -12.28 8.83 -5.46
N ARG A 410 -11.72 7.80 -6.17
CA ARG A 410 -11.83 7.86 -7.63
C ARG A 410 -13.29 7.79 -8.09
N MET A 411 -14.18 7.08 -7.35
CA MET A 411 -15.58 7.15 -7.74
C MET A 411 -16.18 8.48 -7.51
N ILE A 412 -15.77 9.24 -6.45
CA ILE A 412 -16.21 10.64 -6.34
C ILE A 412 -15.71 11.44 -7.54
N HIS A 413 -14.43 11.25 -7.92
CA HIS A 413 -13.91 11.96 -9.08
C HIS A 413 -14.69 11.59 -10.36
N THR A 414 -15.11 10.29 -10.53
CA THR A 414 -15.90 9.91 -11.74
C THR A 414 -17.29 10.59 -11.68
N LEU A 415 -17.92 10.67 -10.50
CA LEU A 415 -19.24 11.25 -10.39
C LEU A 415 -19.18 12.75 -10.61
N LEU A 416 -18.10 13.40 -10.14
CA LEU A 416 -18.09 14.88 -10.13
C LEU A 416 -17.42 15.49 -11.34
N GLY A 417 -16.43 14.79 -11.88
CA GLY A 417 -15.51 15.36 -12.93
C GLY A 417 -14.37 16.13 -12.24
N GLU A 418 -13.27 16.36 -12.95
CA GLU A 418 -12.08 16.98 -12.38
C GLU A 418 -12.40 18.39 -11.84
N GLU A 419 -13.13 19.23 -12.60
CA GLU A 419 -13.31 20.58 -12.12
CA GLU A 419 -13.22 20.57 -12.12
C GLU A 419 -14.10 20.63 -10.81
N ASN A 420 -15.22 19.90 -10.71
CA ASN A 420 -15.95 19.88 -9.44
C ASN A 420 -15.14 19.18 -8.35
N PHE A 421 -14.38 18.13 -8.69
CA PHE A 421 -13.58 17.47 -7.65
C PHE A 421 -12.54 18.45 -7.05
N GLN A 422 -11.94 19.25 -7.90
CA GLN A 422 -10.96 20.26 -7.39
C GLN A 422 -11.69 21.33 -6.60
N LYS A 423 -12.91 21.75 -7.00
CA LYS A 423 -13.68 22.66 -6.15
C LYS A 423 -13.93 22.02 -4.77
N GLY A 424 -14.23 20.71 -4.73
CA GLY A 424 -14.45 20.01 -3.47
C GLY A 424 -13.15 19.97 -2.64
N MET A 425 -12.00 19.73 -3.28
CA MET A 425 -10.74 19.77 -2.55
C MET A 425 -10.52 21.17 -1.92
N GLN A 426 -10.80 22.18 -2.73
CA GLN A 426 -10.57 23.57 -2.23
C GLN A 426 -11.49 23.87 -1.08
N LEU A 427 -12.76 23.41 -1.10
CA LEU A 427 -13.69 23.67 -0.01
C LEU A 427 -13.26 22.89 1.23
N TYR A 428 -12.80 21.63 1.04
CA TYR A 428 -12.29 20.80 2.15
C TYR A 428 -11.15 21.52 2.85
N PHE A 429 -10.18 22.04 2.08
CA PHE A 429 -9.09 22.74 2.81
C PHE A 429 -9.57 24.05 3.39
N GLU A 430 -10.45 24.82 2.69
CA GLU A 430 -10.87 26.08 3.28
CA GLU A 430 -10.99 26.06 3.28
C GLU A 430 -11.55 25.81 4.64
N ARG A 431 -12.40 24.75 4.75
CA ARG A 431 -13.11 24.46 5.96
C ARG A 431 -12.25 23.85 7.06
N HIS A 432 -11.29 23.00 6.65
CA HIS A 432 -10.71 22.14 7.64
C HIS A 432 -9.17 22.32 7.82
N ASP A 433 -8.56 23.22 7.06
CA ASP A 433 -7.12 23.54 7.26
CA ASP A 433 -7.13 23.41 7.29
C ASP A 433 -6.88 23.77 8.76
N GLY A 434 -5.83 23.14 9.30
CA GLY A 434 -5.45 23.41 10.69
C GLY A 434 -6.21 22.59 11.66
N SER A 435 -7.01 21.61 11.23
CA SER A 435 -7.83 20.82 12.11
C SER A 435 -7.80 19.33 11.79
N ALA A 436 -8.42 18.53 12.67
CA ALA A 436 -8.60 17.09 12.50
C ALA A 436 -9.99 16.87 11.98
N ALA A 437 -10.19 16.14 10.91
CA ALA A 437 -11.52 16.11 10.31
C ALA A 437 -11.92 14.62 10.15
N THR A 438 -13.12 14.40 9.59
CA THR A 438 -13.62 13.00 9.43
C THR A 438 -13.85 12.73 7.95
N CYS A 439 -14.01 11.40 7.67
CA CYS A 439 -14.42 11.04 6.27
C CYS A 439 -15.71 11.77 5.87
N ASP A 440 -16.67 11.82 6.80
CA ASP A 440 -17.91 12.48 6.44
C ASP A 440 -17.69 13.94 6.07
N ASP A 441 -16.77 14.63 6.80
CA ASP A 441 -16.52 16.02 6.44
C ASP A 441 -16.03 16.11 5.02
N PHE A 442 -15.12 15.20 4.61
CA PHE A 442 -14.62 15.27 3.24
C PHE A 442 -15.74 15.06 2.21
N VAL A 443 -16.59 14.04 2.46
CA VAL A 443 -17.69 13.81 1.48
C VAL A 443 -18.62 15.04 1.46
N GLN A 444 -18.88 15.66 2.63
CA GLN A 444 -19.71 16.87 2.69
CA GLN A 444 -19.76 16.78 2.68
C GLN A 444 -19.12 17.95 1.86
N ALA A 445 -17.78 18.15 1.95
CA ALA A 445 -17.17 19.19 1.14
C ALA A 445 -17.35 18.95 -0.37
N MET A 446 -17.14 17.67 -0.80
CA MET A 446 -17.35 17.34 -2.21
C MET A 446 -18.81 17.59 -2.61
N GLU A 447 -19.78 17.15 -1.82
CA GLU A 447 -21.20 17.34 -2.16
C GLU A 447 -21.51 18.85 -2.20
N ASP A 448 -21.04 19.61 -1.20
CA ASP A 448 -21.41 21.06 -1.18
C ASP A 448 -20.76 21.84 -2.32
N ALA A 449 -19.51 21.51 -2.70
CA ALA A 449 -18.86 22.27 -3.75
C ALA A 449 -19.44 21.94 -5.10
N SER A 450 -19.88 20.68 -5.30
CA SER A 450 -20.29 20.25 -6.67
C SER A 450 -21.80 20.27 -6.88
N ASN A 451 -22.60 20.31 -5.79
CA ASN A 451 -24.04 20.09 -5.89
C ASN A 451 -24.39 18.69 -6.39
N VAL A 452 -23.48 17.70 -6.23
CA VAL A 452 -23.85 16.32 -6.54
C VAL A 452 -24.23 15.66 -5.24
N ASP A 453 -25.40 14.97 -5.20
CA ASP A 453 -25.82 14.35 -3.94
C ASP A 453 -25.00 13.10 -3.68
N LEU A 454 -24.29 13.04 -2.55
CA LEU A 454 -23.48 11.89 -2.22
C LEU A 454 -24.03 11.28 -0.95
N SER A 455 -25.36 11.45 -0.62
CA SER A 455 -25.91 10.84 0.59
CA SER A 455 -25.94 10.82 0.58
C SER A 455 -25.89 9.28 0.48
N HIS A 456 -26.40 8.73 -0.65
CA HIS A 456 -26.33 7.25 -0.79
C HIS A 456 -24.86 6.81 -0.95
N PHE A 457 -24.08 7.64 -1.64
CA PHE A 457 -22.68 7.29 -1.87
C PHE A 457 -21.94 7.01 -0.55
N ARG A 458 -22.30 7.74 0.53
CA ARG A 458 -21.62 7.51 1.86
C ARG A 458 -21.62 6.09 2.30
N ARG A 459 -22.55 5.23 1.83
CA ARG A 459 -22.58 3.86 2.26
C ARG A 459 -21.27 3.11 1.89
N TRP A 460 -20.53 3.62 0.87
CA TRP A 460 -19.24 2.94 0.58
C TRP A 460 -18.29 3.09 1.78
N TYR A 461 -18.46 4.10 2.68
CA TYR A 461 -17.59 4.16 3.87
C TYR A 461 -17.96 3.22 4.97
N SER A 462 -19.24 2.80 5.00
CA SER A 462 -19.69 1.97 6.12
CA SER A 462 -19.81 1.98 6.11
C SER A 462 -19.93 0.51 5.83
N GLN A 463 -19.91 0.11 4.54
CA GLN A 463 -20.21 -1.27 4.21
C GLN A 463 -19.00 -1.98 3.68
N SER A 464 -18.68 -3.13 4.25
CA SER A 464 -17.53 -3.91 3.84
C SER A 464 -17.94 -4.91 2.71
N GLY A 465 -16.97 -5.63 2.15
CA GLY A 465 -17.18 -6.66 1.14
C GLY A 465 -17.22 -6.07 -0.29
N THR A 466 -17.06 -7.02 -1.23
CA THR A 466 -17.06 -6.60 -2.63
C THR A 466 -18.46 -6.74 -3.30
N PRO A 467 -19.04 -5.71 -3.83
CA PRO A 467 -20.31 -5.91 -4.54
C PRO A 467 -20.07 -6.70 -5.83
N ILE A 468 -21.10 -7.52 -6.14
CA ILE A 468 -21.13 -8.25 -7.41
C ILE A 468 -22.21 -7.63 -8.24
N VAL A 469 -21.79 -7.14 -9.42
CA VAL A 469 -22.72 -6.50 -10.33
C VAL A 469 -22.97 -7.43 -11.56
N THR A 470 -24.26 -7.79 -11.70
CA THR A 470 -24.64 -8.76 -12.80
C THR A 470 -25.34 -7.99 -13.87
N VAL A 471 -24.91 -8.23 -15.12
CA VAL A 471 -25.46 -7.45 -16.22
C VAL A 471 -26.03 -8.46 -17.25
N LYS A 472 -27.28 -8.16 -17.65
CA LYS A 472 -27.91 -8.90 -18.81
C LYS A 472 -28.24 -7.87 -19.80
N ASP A 473 -28.31 -8.27 -21.06
CA ASP A 473 -28.56 -7.29 -22.10
C ASP A 473 -29.57 -7.76 -23.16
N ASP A 474 -30.12 -6.84 -23.89
CA ASP A 474 -31.06 -7.22 -24.98
C ASP A 474 -30.96 -6.22 -26.04
N TYR A 475 -30.88 -6.67 -27.29
CA TYR A 475 -30.95 -5.75 -28.39
C TYR A 475 -32.25 -5.99 -29.15
N ASN A 476 -33.03 -4.93 -29.37
CA ASN A 476 -34.36 -5.06 -30.01
C ASN A 476 -34.19 -4.40 -31.40
N PRO A 477 -34.13 -5.26 -32.46
CA PRO A 477 -33.94 -4.64 -33.80
C PRO A 477 -35.22 -3.91 -34.35
N GLU A 478 -36.37 -4.28 -33.84
CA GLU A 478 -37.56 -3.53 -34.30
C GLU A 478 -37.51 -2.07 -33.82
N THR A 479 -37.00 -1.81 -32.62
CA THR A 479 -37.07 -0.44 -32.09
C THR A 479 -35.69 0.25 -32.06
N GLU A 480 -34.66 -0.55 -32.44
CA GLU A 480 -33.24 -0.07 -32.37
C GLU A 480 -32.90 0.40 -30.93
N GLN A 481 -33.35 -0.40 -29.98
CA GLN A 481 -33.09 -0.10 -28.50
C GLN A 481 -32.19 -1.18 -27.96
N TYR A 482 -31.27 -0.74 -27.07
CA TYR A 482 -30.42 -1.68 -26.34
C TYR A 482 -30.79 -1.51 -24.87
N THR A 483 -31.11 -2.59 -24.18
CA THR A 483 -31.46 -2.55 -22.75
C THR A 483 -30.42 -3.27 -21.94
N LEU A 484 -29.92 -2.63 -20.86
CA LEU A 484 -29.09 -3.29 -19.90
C LEU A 484 -29.88 -3.46 -18.60
N THR A 485 -29.96 -4.69 -18.09
CA THR A 485 -30.60 -4.94 -16.82
C THR A 485 -29.46 -5.24 -15.90
N ILE A 486 -29.32 -4.39 -14.87
CA ILE A 486 -28.11 -4.47 -14.01
C ILE A 486 -28.59 -4.70 -12.57
N SER A 487 -27.99 -5.68 -11.94
CA SER A 487 -28.37 -5.95 -10.56
CA SER A 487 -28.33 -6.09 -10.58
C SER A 487 -27.11 -5.92 -9.72
N GLN A 488 -27.28 -5.65 -8.43
CA GLN A 488 -26.11 -5.73 -7.54
C GLN A 488 -26.44 -6.44 -6.27
N ARG A 489 -25.45 -7.03 -5.67
CA ARG A 489 -25.61 -7.57 -4.23
CA ARG A 489 -25.61 -7.37 -4.24
C ARG A 489 -24.21 -7.59 -3.66
N THR A 490 -24.11 -7.42 -2.34
CA THR A 490 -22.79 -7.63 -1.65
C THR A 490 -23.16 -8.83 -0.74
N PRO A 491 -22.40 -9.86 -0.83
CA PRO A 491 -22.64 -10.95 0.10
C PRO A 491 -22.31 -10.54 1.51
N ALA A 492 -22.97 -11.13 2.49
CA ALA A 492 -22.61 -10.88 3.92
C ALA A 492 -21.11 -11.17 4.10
N THR A 493 -20.55 -10.47 5.06
CA THR A 493 -19.13 -10.73 5.43
C THR A 493 -19.13 -11.05 6.96
N PRO A 494 -17.97 -11.49 7.45
CA PRO A 494 -17.95 -11.92 8.85
C PRO A 494 -18.23 -10.79 9.83
N ASP A 495 -17.90 -9.54 9.42
CA ASP A 495 -18.14 -8.39 10.26
C ASP A 495 -19.54 -7.77 10.17
N GLN A 496 -20.29 -8.06 9.12
CA GLN A 496 -21.61 -7.44 8.89
C GLN A 496 -22.58 -8.40 8.26
N ALA A 497 -23.67 -8.60 9.03
CA ALA A 497 -24.72 -9.42 8.47
C ALA A 497 -25.65 -8.69 7.59
N GLU A 498 -25.73 -7.37 7.65
CA GLU A 498 -26.65 -6.70 6.79
C GLU A 498 -25.93 -5.92 5.69
N LYS A 499 -26.39 -6.10 4.48
CA LYS A 499 -25.85 -5.37 3.32
C LYS A 499 -26.93 -4.67 2.54
N GLN A 500 -26.62 -3.53 1.95
CA GLN A 500 -27.61 -2.77 1.22
C GLN A 500 -26.99 -2.34 -0.09
N PRO A 501 -27.80 -1.94 -1.10
CA PRO A 501 -27.28 -1.51 -2.39
C PRO A 501 -26.41 -0.25 -2.18
N LEU A 502 -25.40 -0.15 -3.04
CA LEU A 502 -24.52 1.04 -3.08
C LEU A 502 -24.83 1.89 -4.25
N HIS A 503 -24.28 3.14 -4.25
CA HIS A 503 -24.38 3.99 -5.42
C HIS A 503 -23.17 3.68 -6.27
N ILE A 504 -23.35 2.83 -7.33
CA ILE A 504 -22.22 2.34 -8.11
C ILE A 504 -22.15 3.11 -9.44
N PRO A 505 -21.07 3.89 -9.67
CA PRO A 505 -20.90 4.56 -10.97
C PRO A 505 -20.42 3.47 -11.97
N PHE A 506 -21.27 3.26 -12.99
CA PHE A 506 -21.02 2.06 -13.85
C PHE A 506 -20.83 2.57 -15.27
N ALA A 507 -19.57 2.73 -15.66
CA ALA A 507 -19.29 3.39 -16.95
C ALA A 507 -19.42 2.36 -18.09
N ILE A 508 -20.04 2.80 -19.21
CA ILE A 508 -20.13 1.87 -20.36
C ILE A 508 -19.70 2.55 -21.63
N GLU A 509 -19.46 1.74 -22.67
CA GLU A 509 -19.30 2.27 -24.05
CA GLU A 509 -19.28 2.27 -24.04
C GLU A 509 -19.89 1.21 -24.95
N LEU A 510 -20.59 1.62 -25.98
CA LEU A 510 -21.21 0.61 -26.88
C LEU A 510 -20.52 0.72 -28.25
N TYR A 511 -20.09 -0.41 -28.82
CA TYR A 511 -19.34 -0.40 -30.08
C TYR A 511 -20.15 -1.02 -31.21
N ASP A 512 -20.17 -0.34 -32.35
CA ASP A 512 -20.83 -0.90 -33.55
C ASP A 512 -19.87 -1.92 -34.25
N ASN A 513 -20.26 -2.40 -35.45
CA ASN A 513 -19.52 -3.52 -36.07
C ASN A 513 -18.21 -3.07 -36.68
N GLU A 514 -18.09 -1.78 -36.84
CA GLU A 514 -16.82 -1.18 -37.26
C GLU A 514 -15.89 -0.82 -36.15
N GLY A 515 -16.29 -1.02 -34.88
CA GLY A 515 -15.42 -0.56 -33.76
C GLY A 515 -15.61 0.90 -33.38
N LYS A 516 -16.68 1.54 -33.90
CA LYS A 516 -16.94 2.98 -33.51
C LYS A 516 -17.88 3.03 -32.34
N VAL A 517 -17.72 4.04 -31.50
CA VAL A 517 -18.56 4.18 -30.32
C VAL A 517 -19.95 4.71 -30.79
N ILE A 518 -21.03 4.08 -30.34
CA ILE A 518 -22.38 4.47 -30.66
C ILE A 518 -22.77 5.53 -29.62
N PRO A 519 -23.26 6.70 -30.08
CA PRO A 519 -23.75 7.67 -29.09
C PRO A 519 -24.86 7.17 -28.18
N LEU A 520 -24.76 7.41 -26.86
CA LEU A 520 -25.75 6.95 -25.89
C LEU A 520 -26.78 8.03 -25.81
N GLN A 521 -28.04 7.65 -25.97
CA GLN A 521 -29.14 8.59 -25.94
C GLN A 521 -30.38 7.90 -25.60
N LYS A 522 -31.37 8.69 -25.19
CA LYS A 522 -32.67 8.17 -24.97
C LYS A 522 -33.70 9.27 -25.15
N GLY A 523 -34.76 9.02 -25.90
CA GLY A 523 -35.87 10.05 -26.00
C GLY A 523 -35.37 11.32 -26.66
N GLY A 524 -34.39 11.22 -27.54
CA GLY A 524 -33.83 12.35 -28.22
C GLY A 524 -32.86 13.23 -27.38
N HIS A 525 -32.39 12.71 -26.23
CA HIS A 525 -31.42 13.48 -25.37
C HIS A 525 -30.22 12.58 -25.14
N PRO A 526 -28.99 13.14 -25.21
CA PRO A 526 -27.81 12.33 -24.74
C PRO A 526 -28.00 11.80 -23.31
N VAL A 527 -27.31 10.71 -23.02
CA VAL A 527 -27.38 10.02 -21.69
C VAL A 527 -25.88 9.92 -21.31
N ASN A 528 -25.53 10.30 -20.08
CA ASN A 528 -24.19 10.14 -19.50
CA ASN A 528 -24.14 10.18 -19.67
C ASN A 528 -23.75 8.67 -19.61
N SER A 529 -22.53 8.42 -20.05
CA SER A 529 -22.06 7.03 -20.06
C SER A 529 -21.67 6.45 -18.71
N VAL A 530 -21.70 7.26 -17.65
CA VAL A 530 -21.52 6.72 -16.28
C VAL A 530 -22.92 6.52 -15.77
N LEU A 531 -23.40 5.27 -15.77
CA LEU A 531 -24.73 5.01 -15.27
C LEU A 531 -24.75 4.96 -13.72
N ASN A 532 -25.80 5.45 -13.12
CA ASN A 532 -25.86 5.44 -11.65
C ASN A 532 -26.69 4.23 -11.23
N VAL A 533 -25.93 3.19 -10.90
CA VAL A 533 -26.52 1.90 -10.50
C VAL A 533 -26.75 2.05 -8.97
N THR A 534 -27.98 2.36 -8.57
CA THR A 534 -28.22 2.66 -7.16
C THR A 534 -29.19 1.69 -6.48
N GLN A 535 -29.85 0.80 -7.31
CA GLN A 535 -30.85 -0.12 -6.78
C GLN A 535 -30.34 -1.52 -6.80
N ALA A 536 -31.07 -2.45 -6.16
CA ALA A 536 -30.72 -3.88 -6.23
C ALA A 536 -30.88 -4.37 -7.73
N GLU A 537 -31.87 -3.84 -8.45
CA GLU A 537 -32.04 -4.18 -9.87
C GLU A 537 -32.59 -2.96 -10.57
N GLN A 538 -32.18 -2.70 -11.81
CA GLN A 538 -32.50 -1.48 -12.50
CA GLN A 538 -32.76 -1.60 -12.56
C GLN A 538 -32.40 -1.84 -14.00
N THR A 539 -33.12 -1.14 -14.87
CA THR A 539 -32.96 -1.32 -16.30
CA THR A 539 -32.95 -1.32 -16.28
C THR A 539 -32.59 0.03 -16.89
N PHE A 540 -31.75 0.03 -17.88
CA PHE A 540 -31.38 1.22 -18.64
C PHE A 540 -31.67 0.93 -20.07
N VAL A 541 -32.32 1.86 -20.76
CA VAL A 541 -32.73 1.65 -22.14
C VAL A 541 -32.06 2.73 -22.96
N PHE A 542 -31.44 2.35 -24.09
CA PHE A 542 -30.82 3.30 -24.92
C PHE A 542 -31.46 3.20 -26.31
N ASP A 543 -31.69 4.38 -26.95
CA ASP A 543 -32.41 4.48 -28.21
CA ASP A 543 -32.34 4.21 -28.25
C ASP A 543 -31.47 4.75 -29.32
N ASN A 544 -31.95 4.59 -30.59
CA ASN A 544 -31.03 4.89 -31.67
C ASN A 544 -29.70 4.12 -31.66
N VAL A 545 -29.87 2.83 -31.28
CA VAL A 545 -28.71 1.97 -31.29
C VAL A 545 -28.88 1.20 -32.63
N TYR A 546 -28.15 1.68 -33.60
CA TYR A 546 -28.46 1.35 -34.97
C TYR A 546 -27.80 0.02 -35.36
N PHE A 547 -27.00 -0.57 -34.47
CA PHE A 547 -26.37 -1.85 -34.78
C PHE A 547 -26.26 -2.58 -33.44
N GLN A 548 -26.47 -3.91 -33.41
CA GLN A 548 -26.34 -4.62 -32.17
C GLN A 548 -24.94 -4.37 -31.59
N PRO A 549 -24.86 -3.87 -30.33
CA PRO A 549 -23.52 -3.40 -29.86
C PRO A 549 -22.70 -4.50 -29.22
N VAL A 550 -21.40 -4.31 -29.25
CA VAL A 550 -20.49 -5.03 -28.30
C VAL A 550 -20.25 -4.02 -27.17
N PRO A 551 -20.66 -4.37 -25.93
CA PRO A 551 -20.48 -3.34 -24.83
C PRO A 551 -19.10 -3.50 -24.23
N ALA A 552 -18.54 -2.36 -23.83
CA ALA A 552 -17.42 -2.34 -22.88
C ALA A 552 -18.07 -1.93 -21.57
N LEU A 553 -17.95 -2.74 -20.47
CA LEU A 553 -18.69 -2.54 -19.22
C LEU A 553 -17.67 -2.23 -18.09
N LEU A 554 -18.10 -1.41 -17.15
CA LEU A 554 -17.25 -1.06 -15.96
C LEU A 554 -15.95 -0.48 -16.47
N CYS A 555 -16.05 0.49 -17.43
CA CYS A 555 -14.85 1.06 -18.07
C CYS A 555 -13.93 1.70 -17.04
N GLU A 556 -12.63 1.54 -17.28
CA GLU A 556 -11.59 2.02 -16.38
C GLU A 556 -11.82 1.51 -14.95
N PHE A 557 -12.51 0.36 -14.80
CA PHE A 557 -12.83 -0.23 -13.46
C PHE A 557 -13.50 0.92 -12.66
N SER A 558 -14.66 1.33 -13.13
CA SER A 558 -15.29 2.56 -12.62
C SER A 558 -15.83 2.41 -11.21
N ALA A 559 -15.97 1.16 -10.72
CA ALA A 559 -16.36 0.96 -9.31
C ALA A 559 -15.65 -0.33 -8.88
N PRO A 560 -15.37 -0.56 -7.56
CA PRO A 560 -14.51 -1.68 -7.16
C PRO A 560 -15.42 -2.89 -6.91
N VAL A 561 -15.83 -3.51 -8.03
CA VAL A 561 -16.89 -4.53 -7.95
C VAL A 561 -16.45 -5.69 -8.84
N LYS A 562 -17.10 -6.83 -8.60
CA LYS A 562 -16.94 -8.04 -9.46
C LYS A 562 -18.00 -7.92 -10.55
N LEU A 563 -17.65 -8.08 -11.79
CA LEU A 563 -18.64 -8.00 -12.89
C LEU A 563 -18.99 -9.38 -13.36
N GLU A 564 -20.29 -9.63 -13.45
CA GLU A 564 -20.89 -10.88 -14.01
CA GLU A 564 -20.73 -10.89 -14.07
C GLU A 564 -21.55 -10.57 -15.31
N TYR A 565 -20.94 -10.89 -16.43
CA TYR A 565 -21.64 -10.69 -17.73
C TYR A 565 -21.27 -11.90 -18.53
N LYS A 566 -22.25 -12.42 -19.32
CA LYS A 566 -22.02 -13.66 -20.14
C LYS A 566 -21.32 -13.25 -21.50
N TRP A 567 -20.01 -12.92 -21.41
CA TRP A 567 -19.19 -12.57 -22.56
C TRP A 567 -19.12 -13.81 -23.57
N SER A 568 -19.20 -13.56 -24.90
CA SER A 568 -18.67 -14.56 -25.83
C SER A 568 -17.17 -14.32 -26.00
N ASP A 569 -16.39 -15.30 -26.49
CA ASP A 569 -15.01 -15.10 -26.74
C ASP A 569 -14.81 -14.06 -27.79
N GLN A 570 -15.72 -14.05 -28.81
CA GLN A 570 -15.50 -13.05 -29.89
C GLN A 570 -15.88 -11.61 -29.44
N GLN A 571 -16.78 -11.44 -28.48
CA GLN A 571 -16.97 -10.04 -28.01
C GLN A 571 -15.64 -9.56 -27.38
N LEU A 572 -15.00 -10.47 -26.59
CA LEU A 572 -13.78 -10.05 -25.91
C LEU A 572 -12.64 -9.83 -26.82
N THR A 573 -12.47 -10.65 -27.90
CA THR A 573 -11.35 -10.38 -28.77
C THR A 573 -11.66 -9.15 -29.68
N PHE A 574 -12.93 -8.85 -29.92
CA PHE A 574 -13.29 -7.63 -30.61
C PHE A 574 -12.84 -6.42 -29.74
N LEU A 575 -13.12 -6.49 -28.45
CA LEU A 575 -12.70 -5.35 -27.59
C LEU A 575 -11.17 -5.27 -27.52
N MET A 576 -10.45 -6.40 -27.53
CA MET A 576 -8.99 -6.33 -27.52
C MET A 576 -8.49 -5.62 -28.75
N ARG A 577 -9.23 -5.74 -29.89
CA ARG A 577 -8.81 -5.03 -31.13
C ARG A 577 -9.35 -3.60 -31.23
N HIS A 578 -10.52 -3.27 -30.67
CA HIS A 578 -11.18 -2.01 -30.99
C HIS A 578 -11.45 -1.04 -29.85
N ALA A 579 -11.38 -1.46 -28.58
CA ALA A 579 -11.86 -0.59 -27.51
C ALA A 579 -10.95 0.66 -27.49
N ARG A 580 -11.61 1.79 -27.24
CA ARG A 580 -10.88 3.09 -27.30
C ARG A 580 -9.89 3.29 -26.16
N ASN A 581 -10.17 2.80 -24.93
CA ASN A 581 -9.22 3.05 -23.84
C ASN A 581 -8.35 1.80 -23.71
N ASP A 582 -7.07 1.95 -23.63
CA ASP A 582 -6.17 0.83 -23.43
C ASP A 582 -6.54 -0.01 -22.26
N PHE A 583 -7.07 0.56 -21.17
CA PHE A 583 -7.44 -0.31 -20.05
C PHE A 583 -8.48 -1.36 -20.49
N SER A 584 -9.49 -0.96 -21.32
CA SER A 584 -10.55 -1.93 -21.74
C SER A 584 -9.93 -3.01 -22.56
N ARG A 585 -8.92 -2.78 -23.38
CA ARG A 585 -8.35 -3.87 -24.22
CA ARG A 585 -8.32 -3.85 -24.17
C ARG A 585 -7.66 -4.86 -23.28
N TRP A 586 -6.90 -4.40 -22.24
CA TRP A 586 -6.27 -5.29 -21.27
C TRP A 586 -7.43 -6.06 -20.57
N ASP A 587 -8.43 -5.37 -20.05
CA ASP A 587 -9.47 -5.98 -19.21
C ASP A 587 -10.21 -7.08 -20.06
N ALA A 588 -10.45 -6.82 -21.35
CA ALA A 588 -11.12 -7.84 -22.14
C ALA A 588 -10.20 -9.07 -22.22
N ALA A 589 -8.90 -8.91 -22.38
CA ALA A 589 -7.99 -10.04 -22.37
C ALA A 589 -8.04 -10.74 -21.04
N GLN A 590 -8.23 -10.02 -19.91
CA GLN A 590 -8.32 -10.72 -18.65
C GLN A 590 -9.63 -11.56 -18.57
N SER A 591 -10.75 -11.03 -19.04
CA SER A 591 -11.99 -11.78 -19.00
C SER A 591 -11.81 -13.01 -19.92
N LEU A 592 -11.14 -12.89 -21.05
CA LEU A 592 -10.99 -14.06 -21.93
C LEU A 592 -10.13 -15.09 -21.24
N LEU A 593 -9.02 -14.70 -20.61
CA LEU A 593 -8.19 -15.68 -19.90
C LEU A 593 -8.93 -16.30 -18.74
N ALA A 594 -9.72 -15.51 -18.01
CA ALA A 594 -10.40 -16.03 -16.80
C ALA A 594 -11.18 -17.31 -17.17
N THR A 595 -11.92 -17.32 -18.27
CA THR A 595 -12.72 -18.50 -18.60
C THR A 595 -11.80 -19.72 -18.76
N TYR A 596 -10.65 -19.56 -19.38
CA TYR A 596 -9.79 -20.68 -19.67
C TYR A 596 -8.93 -21.06 -18.47
N ILE A 597 -8.62 -20.08 -17.56
CA ILE A 597 -7.96 -20.47 -16.29
C ILE A 597 -8.94 -21.35 -15.49
N LYS A 598 -10.21 -20.93 -15.39
CA LYS A 598 -11.17 -21.76 -14.65
C LYS A 598 -11.31 -23.15 -15.31
N LEU A 599 -11.41 -23.16 -16.65
CA LEU A 599 -11.53 -24.50 -17.35
C LEU A 599 -10.35 -25.35 -16.95
N ASN A 600 -9.14 -24.80 -17.03
CA ASN A 600 -7.95 -25.64 -16.86
C ASN A 600 -7.67 -25.97 -15.42
N VAL A 601 -8.11 -25.15 -14.44
CA VAL A 601 -7.95 -25.61 -13.02
C VAL A 601 -8.89 -26.86 -12.77
N ALA A 602 -10.11 -26.82 -13.35
CA ALA A 602 -10.99 -27.98 -13.13
C ALA A 602 -10.32 -29.19 -13.85
N ARG A 603 -9.73 -29.01 -15.05
CA ARG A 603 -9.08 -30.15 -15.72
C ARG A 603 -7.94 -30.66 -14.89
N HIS A 604 -7.12 -29.75 -14.33
CA HIS A 604 -5.96 -30.19 -13.54
C HIS A 604 -6.43 -31.11 -12.36
N GLN A 605 -7.54 -30.72 -11.73
CA GLN A 605 -8.04 -31.49 -10.59
C GLN A 605 -8.43 -32.92 -11.03
N GLN A 606 -8.74 -33.10 -12.32
CA GLN A 606 -9.10 -34.43 -12.83
C GLN A 606 -7.95 -35.07 -13.61
N GLY A 607 -6.75 -34.52 -13.48
CA GLY A 607 -5.56 -35.09 -14.05
C GLY A 607 -5.46 -34.89 -15.59
N GLN A 608 -6.13 -33.84 -16.14
CA GLN A 608 -6.17 -33.63 -17.56
C GLN A 608 -5.29 -32.46 -17.91
N PRO A 609 -4.68 -32.48 -19.08
CA PRO A 609 -3.74 -31.39 -19.50
C PRO A 609 -4.45 -30.16 -20.00
N LEU A 610 -3.65 -29.12 -20.16
CA LEU A 610 -4.25 -27.82 -20.58
C LEU A 610 -4.99 -27.96 -21.88
N SER A 611 -6.17 -27.30 -22.01
CA SER A 611 -6.90 -27.17 -23.24
C SER A 611 -7.11 -25.69 -23.53
N LEU A 612 -6.83 -25.26 -24.76
CA LEU A 612 -7.00 -23.83 -25.07
C LEU A 612 -7.41 -23.74 -26.52
N PRO A 613 -8.50 -23.07 -26.83
CA PRO A 613 -8.87 -22.98 -28.26
C PRO A 613 -7.85 -22.24 -29.07
N VAL A 614 -7.68 -22.64 -30.33
CA VAL A 614 -6.76 -21.96 -31.23
C VAL A 614 -7.11 -20.48 -31.28
N HIS A 615 -8.35 -20.07 -31.33
CA HIS A 615 -8.69 -18.62 -31.53
C HIS A 615 -8.24 -17.84 -30.29
N VAL A 616 -8.06 -18.47 -29.11
CA VAL A 616 -7.57 -17.69 -27.95
C VAL A 616 -6.09 -17.45 -28.11
N ALA A 617 -5.30 -18.47 -28.50
CA ALA A 617 -3.87 -18.23 -28.74
C ALA A 617 -3.76 -17.16 -29.89
N ASP A 618 -4.62 -17.21 -30.91
CA ASP A 618 -4.51 -16.22 -31.95
C ASP A 618 -4.70 -14.80 -31.51
N ALA A 619 -5.58 -14.59 -30.53
CA ALA A 619 -5.78 -13.22 -30.05
C ALA A 619 -4.50 -12.67 -29.41
N PHE A 620 -3.74 -13.49 -28.71
CA PHE A 620 -2.42 -13.03 -28.13
C PHE A 620 -1.40 -12.90 -29.25
N ARG A 621 -1.42 -13.80 -30.28
CA ARG A 621 -0.52 -13.61 -31.39
CA ARG A 621 -0.52 -13.58 -31.39
C ARG A 621 -0.79 -12.21 -32.03
N ALA A 622 -2.06 -11.81 -32.16
CA ALA A 622 -2.38 -10.58 -32.83
C ALA A 622 -1.81 -9.41 -32.01
N VAL A 623 -1.85 -9.52 -30.68
CA VAL A 623 -1.28 -8.45 -29.83
C VAL A 623 0.22 -8.35 -30.05
N LEU A 624 0.94 -9.48 -30.13
CA LEU A 624 2.40 -9.41 -30.43
C LEU A 624 2.70 -8.76 -31.74
N LEU A 625 1.92 -9.03 -32.75
CA LEU A 625 2.26 -8.55 -34.07
C LEU A 625 1.64 -7.21 -34.42
N ASP A 626 0.83 -6.60 -33.52
CA ASP A 626 0.17 -5.34 -33.86
C ASP A 626 1.17 -4.23 -33.77
N GLU A 627 1.50 -3.64 -34.91
CA GLU A 627 2.47 -2.51 -34.91
C GLU A 627 1.87 -1.20 -34.31
N LYS A 628 0.58 -1.06 -34.15
CA LYS A 628 0.06 0.19 -33.71
C LYS A 628 -0.12 0.19 -32.16
N ILE A 629 -0.22 -0.98 -31.51
CA ILE A 629 -0.51 -1.00 -30.06
C ILE A 629 0.71 -0.41 -29.27
N ASP A 630 0.40 0.36 -28.26
CA ASP A 630 1.49 0.85 -27.36
C ASP A 630 2.23 -0.34 -26.74
N PRO A 631 3.57 -0.43 -26.80
CA PRO A 631 4.29 -1.53 -26.18
C PRO A 631 3.89 -1.63 -24.68
N ALA A 632 3.56 -0.51 -24.03
CA ALA A 632 3.21 -0.59 -22.60
C ALA A 632 1.99 -1.46 -22.41
N LEU A 633 1.01 -1.27 -23.28
CA LEU A 633 -0.24 -2.07 -23.16
C LEU A 633 0.03 -3.51 -23.61
N ALA A 634 0.79 -3.71 -24.71
CA ALA A 634 1.09 -5.06 -25.12
C ALA A 634 1.74 -5.84 -24.00
N ALA A 635 2.69 -5.19 -23.29
CA ALA A 635 3.42 -5.90 -22.25
C ALA A 635 2.47 -6.39 -21.14
N GLU A 636 1.50 -5.54 -20.79
CA GLU A 636 0.53 -5.97 -19.72
C GLU A 636 -0.44 -7.05 -20.19
N ILE A 637 -0.88 -6.99 -21.46
CA ILE A 637 -1.75 -8.08 -21.95
C ILE A 637 -0.92 -9.37 -21.99
N LEU A 638 0.38 -9.28 -22.22
CA LEU A 638 1.25 -10.45 -22.27
C LEU A 638 1.82 -10.83 -20.89
N THR A 639 1.33 -10.21 -19.78
CA THR A 639 1.73 -10.60 -18.45
C THR A 639 0.49 -11.33 -17.91
N LEU A 640 0.67 -12.63 -17.67
CA LEU A 640 -0.52 -13.38 -17.20
C LEU A 640 -0.93 -12.89 -15.77
N PRO A 641 -2.21 -13.06 -15.43
CA PRO A 641 -2.59 -12.76 -14.02
C PRO A 641 -1.78 -13.57 -13.07
N SER A 642 -1.42 -12.97 -11.90
CA SER A 642 -0.59 -13.65 -10.94
C SER A 642 -1.44 -14.82 -10.26
N VAL A 643 -0.75 -15.65 -9.52
CA VAL A 643 -1.50 -16.73 -8.85
C VAL A 643 -2.44 -16.13 -7.81
N ASN A 644 -2.18 -14.93 -7.29
CA ASN A 644 -3.16 -14.32 -6.40
C ASN A 644 -4.34 -13.76 -7.13
N GLU A 645 -4.16 -13.15 -8.33
CA GLU A 645 -5.28 -12.74 -9.14
C GLU A 645 -6.14 -13.99 -9.53
N MET A 646 -5.44 -15.06 -9.93
CA MET A 646 -6.16 -16.27 -10.31
C MET A 646 -6.97 -16.85 -9.19
N ALA A 647 -6.45 -16.80 -7.97
CA ALA A 647 -7.19 -17.37 -6.80
C ALA A 647 -8.55 -16.66 -6.67
N GLU A 648 -8.65 -15.37 -6.99
CA GLU A 648 -9.92 -14.77 -6.69
CA GLU A 648 -9.89 -14.51 -6.97
C GLU A 648 -11.02 -15.08 -7.76
N LEU A 649 -10.66 -15.90 -8.79
CA LEU A 649 -11.68 -16.42 -9.71
C LEU A 649 -12.42 -17.63 -9.10
N PHE A 650 -12.04 -18.09 -7.90
CA PHE A 650 -12.55 -19.36 -7.36
C PHE A 650 -13.17 -19.15 -6.02
N ASP A 651 -14.23 -19.86 -5.73
CA ASP A 651 -14.70 -19.89 -4.27
C ASP A 651 -13.78 -20.64 -3.37
N ILE A 652 -13.36 -21.85 -3.75
CA ILE A 652 -12.41 -22.57 -2.96
C ILE A 652 -11.14 -22.64 -3.79
N ILE A 653 -10.05 -22.15 -3.26
CA ILE A 653 -8.77 -22.05 -3.95
C ILE A 653 -8.00 -23.36 -3.89
N ASP A 654 -7.58 -23.83 -5.07
CA ASP A 654 -6.66 -24.95 -5.19
C ASP A 654 -5.35 -24.38 -5.64
N PRO A 655 -4.47 -24.13 -4.66
CA PRO A 655 -3.26 -23.32 -5.06
C PRO A 655 -2.26 -24.11 -5.89
N ILE A 656 -2.24 -25.45 -5.77
CA ILE A 656 -1.33 -26.23 -6.57
C ILE A 656 -1.90 -26.26 -8.02
N ALA A 657 -3.23 -26.50 -8.19
CA ALA A 657 -3.80 -26.45 -9.57
C ALA A 657 -3.50 -25.09 -10.18
N ILE A 658 -3.75 -24.01 -9.40
CA ILE A 658 -3.53 -22.64 -10.03
C ILE A 658 -2.06 -22.50 -10.48
N ALA A 659 -1.11 -22.84 -9.62
CA ALA A 659 0.31 -22.64 -9.99
C ALA A 659 0.63 -23.50 -11.20
N GLU A 660 0.14 -24.75 -11.20
CA GLU A 660 0.58 -25.56 -12.38
CA GLU A 660 0.45 -25.66 -12.33
C GLU A 660 -0.15 -25.16 -13.67
N VAL A 661 -1.41 -24.68 -13.55
CA VAL A 661 -2.10 -24.19 -14.75
C VAL A 661 -1.41 -22.89 -15.24
N ARG A 662 -0.96 -22.02 -14.32
CA ARG A 662 -0.26 -20.82 -14.80
C ARG A 662 1.00 -21.24 -15.57
N GLU A 663 1.76 -22.19 -15.03
CA GLU A 663 2.93 -22.67 -15.78
C GLU A 663 2.54 -23.28 -17.12
N ALA A 664 1.49 -24.14 -17.11
CA ALA A 664 1.16 -24.85 -18.37
C ALA A 664 0.67 -23.84 -19.40
N LEU A 665 -0.12 -22.83 -18.95
CA LEU A 665 -0.57 -21.81 -19.89
C LEU A 665 0.62 -21.03 -20.48
N THR A 666 1.61 -20.73 -19.63
CA THR A 666 2.80 -20.05 -20.17
C THR A 666 3.55 -20.94 -21.17
N ARG A 667 3.68 -22.25 -20.89
CA ARG A 667 4.39 -23.16 -21.84
C ARG A 667 3.61 -23.28 -23.13
N THR A 668 2.29 -23.40 -23.02
CA THR A 668 1.50 -23.51 -24.24
C THR A 668 1.59 -22.26 -25.13
N LEU A 669 1.50 -21.04 -24.52
CA LEU A 669 1.64 -19.86 -25.34
C LEU A 669 3.08 -19.73 -25.84
N ALA A 670 4.08 -20.17 -25.07
CA ALA A 670 5.49 -20.13 -25.50
C ALA A 670 5.64 -20.96 -26.77
N THR A 671 5.01 -22.15 -26.78
CA THR A 671 5.13 -23.02 -27.98
C THR A 671 4.37 -22.44 -29.14
N GLU A 672 3.11 -22.05 -28.94
CA GLU A 672 2.31 -21.55 -30.03
C GLU A 672 2.83 -20.24 -30.60
N LEU A 673 3.51 -19.42 -29.80
CA LEU A 673 3.86 -18.08 -30.25
C LEU A 673 5.36 -17.96 -30.32
N ALA A 674 6.10 -19.08 -30.41
CA ALA A 674 7.55 -19.05 -30.24
C ALA A 674 8.25 -18.06 -31.22
N ASP A 675 7.85 -18.09 -32.51
CA ASP A 675 8.61 -17.27 -33.44
C ASP A 675 8.25 -15.81 -33.23
N GLU A 676 6.97 -15.47 -32.95
CA GLU A 676 6.60 -14.09 -32.77
C GLU A 676 7.22 -13.57 -31.47
N LEU A 677 7.24 -14.39 -30.40
CA LEU A 677 7.84 -13.91 -29.12
C LEU A 677 9.36 -13.53 -29.37
N LEU A 678 10.12 -14.36 -30.09
CA LEU A 678 11.55 -14.12 -30.31
C LEU A 678 11.66 -12.84 -31.19
N ALA A 679 10.78 -12.63 -32.20
CA ALA A 679 10.90 -11.46 -33.07
C ALA A 679 10.70 -10.23 -32.21
N ILE A 680 9.71 -10.25 -31.31
CA ILE A 680 9.38 -9.01 -30.57
C ILE A 680 10.42 -8.79 -29.48
N TYR A 681 10.93 -9.86 -28.88
CA TYR A 681 12.05 -9.82 -27.95
C TYR A 681 13.25 -9.07 -28.60
N ASN A 682 13.62 -9.53 -29.82
CA ASN A 682 14.77 -8.88 -30.45
C ASN A 682 14.45 -7.44 -30.89
N ALA A 683 13.21 -7.14 -31.35
CA ALA A 683 12.84 -5.85 -31.93
C ALA A 683 12.89 -4.78 -30.83
N ASN A 684 12.79 -5.20 -29.54
CA ASN A 684 12.66 -4.20 -28.43
C ASN A 684 13.98 -4.11 -27.65
N TYR A 685 15.06 -4.71 -28.16
CA TYR A 685 16.36 -4.46 -27.58
C TYR A 685 16.74 -2.96 -27.57
N GLN A 686 17.28 -2.54 -26.43
CA GLN A 686 17.76 -1.10 -26.25
C GLN A 686 19.16 -1.14 -25.70
N SER A 687 20.08 -0.54 -26.49
CA SER A 687 21.45 -0.52 -25.96
C SER A 687 21.66 0.50 -24.84
N GLU A 688 21.00 1.63 -24.89
CA GLU A 688 21.08 2.61 -23.76
C GLU A 688 20.01 2.25 -22.74
N TYR A 689 20.38 2.39 -21.46
CA TYR A 689 19.38 2.24 -20.37
C TYR A 689 18.91 3.64 -19.92
N ARG A 690 17.59 3.87 -19.97
CA ARG A 690 17.01 5.11 -19.51
C ARG A 690 15.79 4.82 -18.64
N VAL A 691 15.67 5.57 -17.55
CA VAL A 691 14.42 5.57 -16.71
C VAL A 691 13.54 6.60 -17.32
N GLU A 692 12.94 6.24 -18.46
CA GLU A 692 12.09 7.08 -19.24
C GLU A 692 10.94 6.18 -19.68
N HIS A 693 9.71 6.72 -19.70
CA HIS A 693 8.53 5.82 -19.81
C HIS A 693 8.49 5.13 -21.15
N GLU A 694 8.91 5.75 -22.26
CA GLU A 694 8.86 4.94 -23.53
C GLU A 694 9.85 3.81 -23.46
N ASP A 695 11.05 4.03 -22.89
CA ASP A 695 12.01 2.98 -22.80
C ASP A 695 11.54 1.88 -21.82
N ILE A 696 10.96 2.26 -20.70
CA ILE A 696 10.46 1.28 -19.72
C ILE A 696 9.36 0.46 -20.42
N ALA A 697 8.51 1.02 -21.26
CA ALA A 697 7.45 0.22 -21.90
C ALA A 697 8.11 -0.82 -22.82
N LYS A 698 9.11 -0.40 -23.65
CA LYS A 698 9.72 -1.39 -24.57
C LYS A 698 10.44 -2.48 -23.78
N ARG A 699 11.09 -2.14 -22.67
CA ARG A 699 11.76 -3.13 -21.87
C ARG A 699 10.75 -4.10 -21.18
N THR A 700 9.64 -3.52 -20.69
CA THR A 700 8.64 -4.40 -20.02
C THR A 700 8.10 -5.38 -21.09
N LEU A 701 7.90 -4.93 -22.35
CA LEU A 701 7.43 -5.84 -23.39
C LEU A 701 8.52 -6.85 -23.73
N ARG A 702 9.78 -6.44 -23.85
CA ARG A 702 10.86 -7.38 -24.15
C ARG A 702 10.94 -8.43 -23.07
N ASN A 703 10.86 -8.04 -21.80
CA ASN A 703 10.97 -9.05 -20.71
C ASN A 703 9.67 -9.89 -20.55
N ALA A 704 8.53 -9.34 -20.98
CA ALA A 704 7.30 -10.20 -21.01
C ALA A 704 7.53 -11.30 -22.04
N CYS A 705 8.16 -10.98 -23.17
CA CYS A 705 8.44 -12.00 -24.20
C CYS A 705 9.48 -12.98 -23.65
N LEU A 706 10.53 -12.48 -22.99
CA LEU A 706 11.55 -13.37 -22.42
C LEU A 706 10.91 -14.39 -21.45
N ARG A 707 9.90 -13.99 -20.65
CA ARG A 707 9.31 -14.89 -19.69
C ARG A 707 8.72 -16.11 -20.42
N PHE A 708 7.99 -15.85 -21.51
CA PHE A 708 7.43 -16.97 -22.28
C PHE A 708 8.60 -17.76 -22.90
N LEU A 709 9.60 -17.08 -23.51
CA LEU A 709 10.66 -17.81 -24.21
C LEU A 709 11.38 -18.72 -23.24
N ALA A 710 11.49 -18.33 -21.96
CA ALA A 710 12.15 -19.17 -20.99
C ALA A 710 11.47 -20.55 -20.79
N PHE A 711 10.17 -20.58 -21.10
CA PHE A 711 9.32 -21.80 -20.95
C PHE A 711 9.14 -22.47 -22.25
N GLY A 712 9.90 -22.09 -23.28
CA GLY A 712 9.90 -22.77 -24.60
C GLY A 712 10.96 -23.86 -24.64
N GLU A 713 11.47 -24.09 -25.83
CA GLU A 713 12.51 -25.11 -25.97
C GLU A 713 13.70 -24.83 -25.07
N THR A 714 14.16 -25.82 -24.27
CA THR A 714 15.14 -25.67 -23.20
C THR A 714 16.47 -25.08 -23.60
N HIS A 715 17.10 -25.61 -24.66
CA HIS A 715 18.40 -25.08 -24.99
C HIS A 715 18.33 -23.63 -25.43
N LEU A 716 17.41 -23.24 -26.31
CA LEU A 716 17.26 -21.82 -26.68
C LEU A 716 16.98 -20.99 -25.42
N ALA A 717 16.03 -21.46 -24.58
CA ALA A 717 15.69 -20.71 -23.33
C ALA A 717 16.92 -20.50 -22.50
N ASP A 718 17.77 -21.53 -22.26
CA ASP A 718 18.92 -21.42 -21.36
C ASP A 718 19.91 -20.45 -21.99
N VAL A 719 20.08 -20.47 -23.29
CA VAL A 719 21.03 -19.55 -23.92
C VAL A 719 20.53 -18.11 -23.81
N LEU A 720 19.24 -17.90 -24.14
CA LEU A 720 18.67 -16.48 -24.17
C LEU A 720 18.83 -15.93 -22.75
N VAL A 721 18.42 -16.72 -21.74
CA VAL A 721 18.31 -16.20 -20.41
C VAL A 721 19.73 -15.99 -19.82
N SER A 722 20.68 -16.95 -19.99
CA SER A 722 21.99 -16.75 -19.45
CA SER A 722 21.98 -16.74 -19.40
C SER A 722 22.68 -15.53 -20.13
N LYS A 723 22.47 -15.38 -21.46
CA LYS A 723 23.10 -14.26 -22.18
C LYS A 723 22.51 -12.93 -21.63
N GLN A 724 21.19 -12.91 -21.42
CA GLN A 724 20.62 -11.61 -20.97
C GLN A 724 21.18 -11.31 -19.55
N PHE A 725 21.28 -12.30 -18.67
CA PHE A 725 21.78 -12.07 -17.31
C PHE A 725 23.18 -11.47 -17.38
N HIS A 726 24.02 -12.09 -18.22
CA HIS A 726 25.46 -11.68 -18.21
C HIS A 726 25.64 -10.41 -19.06
N GLU A 727 24.82 -10.12 -20.07
CA GLU A 727 25.04 -8.91 -20.90
C GLU A 727 24.26 -7.69 -20.44
N ALA A 728 23.31 -7.90 -19.50
CA ALA A 728 22.48 -6.75 -19.02
C ALA A 728 23.34 -5.62 -18.59
N ASN A 729 22.90 -4.40 -18.91
CA ASN A 729 23.56 -3.19 -18.40
C ASN A 729 22.73 -2.46 -17.36
N ASN A 730 21.80 -3.22 -16.74
CA ASN A 730 20.88 -2.61 -15.73
C ASN A 730 20.21 -3.76 -15.00
N MET A 731 19.78 -3.50 -13.75
CA MET A 731 19.20 -4.56 -12.94
C MET A 731 17.84 -4.99 -13.47
N THR A 732 17.06 -4.17 -14.22
CA THR A 732 15.74 -4.67 -14.66
C THR A 732 16.01 -5.88 -15.51
N ASP A 733 16.92 -5.79 -16.48
CA ASP A 733 17.12 -6.92 -17.44
C ASP A 733 17.85 -8.05 -16.75
N ALA A 734 18.77 -7.79 -15.82
CA ALA A 734 19.45 -8.89 -15.16
C ALA A 734 18.43 -9.68 -14.34
N LEU A 735 17.61 -8.98 -13.58
CA LEU A 735 16.64 -9.69 -12.65
C LEU A 735 15.58 -10.34 -13.55
N ALA A 736 15.16 -9.83 -14.66
CA ALA A 736 14.12 -10.51 -15.47
C ALA A 736 14.73 -11.84 -15.94
N ALA A 737 16.02 -11.87 -16.31
CA ALA A 737 16.61 -13.13 -16.74
C ALA A 737 16.78 -14.06 -15.55
N LEU A 738 17.24 -13.58 -14.41
CA LEU A 738 17.41 -14.47 -13.25
C LEU A 738 16.04 -15.07 -12.82
N SER A 739 15.01 -14.22 -12.78
CA SER A 739 13.70 -14.69 -12.37
C SER A 739 13.16 -15.75 -13.35
N ALA A 740 13.41 -15.58 -14.67
CA ALA A 740 12.98 -16.56 -15.67
C ALA A 740 13.75 -17.87 -15.45
N ALA A 741 15.02 -17.81 -15.13
CA ALA A 741 15.81 -19.05 -14.88
C ALA A 741 15.25 -19.81 -13.70
N VAL A 742 14.87 -19.10 -12.63
CA VAL A 742 14.26 -19.80 -11.51
C VAL A 742 12.86 -20.30 -11.86
N ALA A 743 12.03 -19.49 -12.51
CA ALA A 743 10.63 -19.89 -12.78
C ALA A 743 10.59 -21.12 -13.72
N ALA A 744 11.49 -21.19 -14.69
CA ALA A 744 11.43 -22.26 -15.70
C ALA A 744 12.43 -23.36 -15.29
N GLN A 745 13.06 -23.27 -14.14
CA GLN A 745 14.05 -24.24 -13.65
C GLN A 745 15.04 -24.60 -14.74
N LEU A 746 15.66 -23.58 -15.32
CA LEU A 746 16.58 -23.79 -16.45
C LEU A 746 17.93 -24.28 -15.93
N PRO A 747 18.69 -24.96 -16.85
CA PRO A 747 20.02 -25.43 -16.41
C PRO A 747 20.92 -24.38 -15.78
N CYS A 748 20.89 -23.13 -16.30
CA CYS A 748 21.78 -22.08 -15.78
C CYS A 748 21.36 -21.53 -14.41
N ARG A 749 20.23 -21.98 -13.86
CA ARG A 749 19.69 -21.30 -12.71
C ARG A 749 20.72 -21.27 -11.58
N ASP A 750 21.28 -22.44 -11.17
CA ASP A 750 22.07 -22.40 -9.94
C ASP A 750 23.36 -21.58 -10.13
N ALA A 751 23.98 -21.61 -11.33
CA ALA A 751 25.13 -20.78 -11.53
C ALA A 751 24.76 -19.29 -11.42
N LEU A 752 23.68 -18.87 -12.11
CA LEU A 752 23.31 -17.40 -12.06
C LEU A 752 22.98 -17.02 -10.62
N MET A 753 22.24 -17.89 -9.90
CA MET A 753 21.88 -17.53 -8.50
C MET A 753 23.10 -17.39 -7.62
N GLN A 754 24.14 -18.29 -7.80
CA GLN A 754 25.32 -18.14 -7.02
C GLN A 754 26.13 -16.89 -7.47
N GLU A 755 26.15 -16.58 -8.77
CA GLU A 755 26.84 -15.37 -9.24
C GLU A 755 26.25 -14.13 -8.55
N TYR A 756 24.92 -14.11 -8.49
CA TYR A 756 24.28 -12.92 -7.88
C TYR A 756 24.59 -12.80 -6.42
N ASP A 757 24.53 -13.90 -5.65
CA ASP A 757 24.89 -13.88 -4.25
C ASP A 757 26.37 -13.36 -4.09
N ASP A 758 27.27 -13.98 -4.87
CA ASP A 758 28.69 -13.56 -4.71
C ASP A 758 28.87 -12.09 -5.00
N LYS A 759 28.17 -11.53 -6.00
CA LYS A 759 28.33 -10.11 -6.35
C LYS A 759 27.66 -9.16 -5.32
N TRP A 760 26.47 -9.59 -4.77
CA TRP A 760 25.61 -8.61 -4.12
C TRP A 760 25.35 -8.89 -2.66
N HIS A 761 25.93 -9.93 -2.05
CA HIS A 761 25.53 -10.33 -0.69
C HIS A 761 25.66 -9.22 0.35
N GLN A 762 26.54 -8.21 0.14
CA GLN A 762 26.68 -7.11 1.06
CA GLN A 762 26.67 -7.15 1.13
C GLN A 762 25.62 -6.07 0.95
N ASN A 763 24.74 -6.18 -0.09
CA ASN A 763 23.73 -5.13 -0.32
C ASN A 763 22.36 -5.72 -0.01
N GLY A 764 21.80 -5.41 1.14
CA GLY A 764 20.53 -6.06 1.57
C GLY A 764 19.41 -5.78 0.61
N LEU A 765 19.26 -4.55 0.09
CA LEU A 765 18.11 -4.29 -0.81
C LEU A 765 18.20 -5.11 -2.08
N VAL A 766 19.43 -5.26 -2.59
CA VAL A 766 19.61 -6.08 -3.79
C VAL A 766 19.34 -7.60 -3.42
N MET A 767 19.81 -8.00 -2.24
CA MET A 767 19.60 -9.41 -1.87
C MET A 767 18.11 -9.66 -1.62
N ASP A 768 17.29 -8.68 -1.28
CA ASP A 768 15.88 -8.95 -1.13
C ASP A 768 15.27 -9.50 -2.39
N LYS A 769 15.75 -9.07 -3.57
CA LYS A 769 15.17 -9.61 -4.81
C LYS A 769 15.51 -11.09 -4.92
N TRP A 770 16.70 -11.46 -4.49
CA TRP A 770 17.19 -12.86 -4.60
C TRP A 770 16.43 -13.70 -3.56
N PHE A 771 16.23 -13.20 -2.33
CA PHE A 771 15.39 -13.99 -1.39
C PHE A 771 13.99 -14.16 -1.95
N ILE A 772 13.40 -13.16 -2.58
CA ILE A 772 12.06 -13.38 -3.14
C ILE A 772 12.09 -14.46 -4.24
N LEU A 773 13.12 -14.49 -5.07
CA LEU A 773 13.19 -15.57 -6.08
C LEU A 773 13.37 -16.94 -5.40
N GLN A 774 14.17 -17.00 -4.30
CA GLN A 774 14.31 -18.31 -3.63
C GLN A 774 12.94 -18.70 -3.06
N ALA A 775 12.25 -17.76 -2.41
CA ALA A 775 10.99 -18.09 -1.72
C ALA A 775 9.89 -18.45 -2.63
N THR A 776 9.87 -17.91 -3.88
CA THR A 776 8.81 -18.13 -4.79
C THR A 776 9.20 -19.22 -5.82
N SER A 777 10.30 -19.92 -5.59
CA SER A 777 10.77 -20.91 -6.60
C SER A 777 9.74 -22.06 -6.74
N PRO A 778 9.57 -22.57 -7.96
CA PRO A 778 8.67 -23.75 -8.16
C PRO A 778 9.40 -25.05 -7.76
N ALA A 779 10.69 -25.03 -7.39
CA ALA A 779 11.42 -26.27 -7.12
C ALA A 779 10.74 -27.06 -6.00
N ALA A 780 10.85 -28.40 -6.07
CA ALA A 780 10.22 -29.25 -5.08
C ALA A 780 10.82 -29.02 -3.70
N ASN A 781 12.11 -28.63 -3.64
CA ASN A 781 12.72 -28.48 -2.32
C ASN A 781 12.71 -27.03 -1.79
N VAL A 782 11.77 -26.21 -2.30
CA VAL A 782 11.78 -24.75 -1.92
C VAL A 782 11.75 -24.54 -0.41
N LEU A 783 10.93 -25.28 0.38
CA LEU A 783 10.87 -24.99 1.83
C LEU A 783 12.18 -25.31 2.52
N GLU A 784 12.79 -26.43 2.10
CA GLU A 784 14.12 -26.72 2.67
C GLU A 784 15.14 -25.60 2.35
N THR A 785 15.06 -25.08 1.12
CA THR A 785 15.98 -24.00 0.74
C THR A 785 15.68 -22.77 1.60
N VAL A 786 14.39 -22.42 1.69
CA VAL A 786 14.02 -21.26 2.51
C VAL A 786 14.49 -21.39 3.93
N ARG A 787 14.27 -22.56 4.57
CA ARG A 787 14.69 -22.75 5.97
C ARG A 787 16.22 -22.55 6.09
N GLY A 788 16.98 -23.12 5.13
CA GLY A 788 18.42 -22.97 5.12
C GLY A 788 18.84 -21.49 5.03
N LEU A 789 18.07 -20.67 4.23
CA LEU A 789 18.41 -19.25 4.05
C LEU A 789 18.17 -18.45 5.32
N LEU A 790 17.50 -18.97 6.37
CA LEU A 790 17.52 -18.26 7.64
C LEU A 790 18.94 -18.07 8.16
N GLN A 791 19.86 -18.92 7.73
CA GLN A 791 21.26 -18.77 8.14
C GLN A 791 22.14 -18.07 7.15
N HIS A 792 21.55 -17.54 6.08
CA HIS A 792 22.32 -16.88 5.05
C HIS A 792 22.96 -15.61 5.56
N ARG A 793 24.20 -15.33 5.08
CA ARG A 793 24.96 -14.09 5.48
C ARG A 793 24.19 -12.79 5.31
N SER A 794 23.26 -12.77 4.31
CA SER A 794 22.53 -11.52 4.02
C SER A 794 21.19 -11.49 4.75
N PHE A 795 20.80 -12.55 5.43
CA PHE A 795 19.48 -12.57 6.11
C PHE A 795 19.57 -12.22 7.59
N THR A 796 18.58 -11.52 8.15
CA THR A 796 18.51 -11.43 9.61
C THR A 796 17.08 -11.21 10.00
N MET A 797 16.69 -11.87 11.10
CA MET A 797 15.34 -11.73 11.67
C MET A 797 15.15 -10.37 12.29
N SER A 798 16.23 -9.58 12.42
CA SER A 798 16.05 -8.23 13.06
C SER A 798 15.57 -7.20 11.95
N ASN A 799 15.50 -7.57 10.64
CA ASN A 799 15.23 -6.54 9.64
C ASN A 799 13.92 -6.87 8.93
N PRO A 800 12.94 -5.98 8.99
CA PRO A 800 11.66 -6.27 8.39
C PRO A 800 11.75 -6.53 6.91
N ASN A 801 12.64 -5.83 6.17
CA ASN A 801 12.75 -6.05 4.71
CA ASN A 801 12.76 -6.10 4.75
C ASN A 801 13.22 -7.49 4.46
N ARG A 802 14.22 -7.95 5.20
CA ARG A 802 14.69 -9.36 4.95
C ARG A 802 13.58 -10.32 5.32
N ILE A 803 12.89 -10.10 6.46
CA ILE A 803 11.81 -11.02 6.82
C ILE A 803 10.78 -11.05 5.71
N ARG A 804 10.35 -9.90 5.20
CA ARG A 804 9.30 -9.92 4.18
CA ARG A 804 9.32 -9.91 4.15
C ARG A 804 9.75 -10.58 2.86
N SER A 805 11.03 -10.41 2.53
CA SER A 805 11.50 -10.91 1.21
CA SER A 805 11.52 -10.88 1.23
C SER A 805 11.75 -12.41 1.21
N LEU A 806 12.01 -12.95 2.41
CA LEU A 806 12.22 -14.44 2.49
C LEU A 806 10.95 -15.14 3.01
N ILE A 807 10.53 -14.79 4.20
CA ILE A 807 9.44 -15.55 4.88
C ILE A 807 8.12 -15.07 4.33
N GLY A 808 7.93 -13.71 4.23
CA GLY A 808 6.65 -13.22 3.71
C GLY A 808 6.42 -13.68 2.28
N ALA A 809 7.46 -13.61 1.44
CA ALA A 809 7.29 -14.02 0.02
C ALA A 809 6.94 -15.51 -0.06
N PHE A 810 7.55 -16.31 0.82
CA PHE A 810 7.17 -17.72 0.75
C PHE A 810 5.67 -17.91 1.10
N ALA A 811 5.23 -17.35 2.24
CA ALA A 811 3.85 -17.62 2.69
C ALA A 811 2.84 -16.95 1.78
N GLY A 812 3.10 -15.70 1.37
CA GLY A 812 2.13 -14.93 0.60
C GLY A 812 2.21 -15.03 -0.91
N SER A 813 3.41 -15.25 -1.43
CA SER A 813 3.62 -15.26 -2.88
C SER A 813 4.00 -16.63 -3.38
N ASN A 814 4.14 -17.65 -2.51
CA ASN A 814 4.26 -19.02 -3.09
C ASN A 814 3.15 -19.89 -2.45
N PRO A 815 1.88 -19.53 -2.69
CA PRO A 815 0.79 -20.33 -2.04
C PRO A 815 0.88 -21.79 -2.42
N ALA A 816 1.40 -22.19 -3.60
CA ALA A 816 1.48 -23.64 -3.89
C ALA A 816 2.36 -24.41 -2.88
N ALA A 817 3.50 -23.79 -2.49
CA ALA A 817 4.36 -24.34 -1.46
C ALA A 817 3.93 -24.08 -0.05
N PHE A 818 3.41 -22.88 0.21
CA PHE A 818 2.88 -22.59 1.51
C PHE A 818 1.76 -23.60 1.91
N HIS A 819 0.94 -23.96 0.90
CA HIS A 819 -0.19 -24.89 1.13
C HIS A 819 0.19 -26.29 0.68
N ALA A 820 1.47 -26.67 0.76
CA ALA A 820 1.85 -28.07 0.53
C ALA A 820 0.93 -28.96 1.36
N GLU A 821 0.53 -30.09 0.71
CA GLU A 821 -0.45 -30.95 1.36
C GLU A 821 0.00 -31.57 2.73
N ASP A 822 1.33 -31.66 2.93
CA ASP A 822 1.80 -32.19 4.25
C ASP A 822 1.71 -31.19 5.37
N GLY A 823 1.31 -29.92 5.07
CA GLY A 823 1.12 -28.94 6.16
C GLY A 823 2.47 -28.28 6.57
N SER A 824 3.57 -28.62 5.89
CA SER A 824 4.90 -28.16 6.28
C SER A 824 4.97 -26.62 6.19
N GLY A 825 4.24 -25.99 5.23
CA GLY A 825 4.36 -24.53 5.09
C GLY A 825 3.74 -23.87 6.31
N TYR A 826 2.61 -24.42 6.80
CA TYR A 826 1.94 -23.79 8.00
C TYR A 826 2.87 -23.93 9.17
N LEU A 827 3.50 -25.12 9.33
CA LEU A 827 4.34 -25.33 10.52
C LEU A 827 5.55 -24.33 10.48
N PHE A 828 6.15 -24.13 9.30
CA PHE A 828 7.24 -23.22 9.18
C PHE A 828 6.75 -21.83 9.60
N LEU A 829 5.61 -21.38 9.09
CA LEU A 829 5.11 -20.01 9.46
C LEU A 829 4.86 -19.94 10.95
N VAL A 830 4.28 -21.00 11.58
CA VAL A 830 4.08 -20.93 13.05
C VAL A 830 5.46 -20.75 13.75
N GLU A 831 6.50 -21.45 13.32
CA GLU A 831 7.79 -21.25 13.99
CA GLU A 831 7.82 -21.25 13.96
C GLU A 831 8.27 -19.79 13.82
N MET A 832 8.11 -19.22 12.62
CA MET A 832 8.65 -17.85 12.43
C MET A 832 7.78 -16.86 13.25
N LEU A 833 6.47 -17.09 13.28
CA LEU A 833 5.58 -16.16 14.04
C LEU A 833 5.76 -16.26 15.54
N THR A 834 6.21 -17.43 15.97
CA THR A 834 6.46 -17.60 17.40
C THR A 834 7.65 -16.64 17.79
N ASP A 835 8.67 -16.54 16.93
CA ASP A 835 9.74 -15.55 17.19
C ASP A 835 9.22 -14.14 17.05
N LEU A 836 8.54 -13.87 15.91
CA LEU A 836 8.20 -12.46 15.56
C LEU A 836 7.13 -11.88 16.46
N ASN A 837 6.23 -12.71 17.03
CA ASN A 837 5.24 -12.21 17.95
C ASN A 837 5.91 -11.44 19.11
N SER A 838 7.04 -11.95 19.63
CA SER A 838 7.76 -11.23 20.74
C SER A 838 8.61 -10.14 20.15
N ARG A 839 9.23 -10.34 19.03
CA ARG A 839 10.27 -9.35 18.50
C ARG A 839 9.60 -8.15 17.87
N ASN A 840 8.64 -8.38 16.96
CA ASN A 840 8.12 -7.25 16.14
C ASN A 840 6.73 -7.67 15.74
N PRO A 841 5.74 -7.38 16.62
CA PRO A 841 4.39 -7.87 16.34
C PRO A 841 3.81 -7.26 15.09
N GLN A 842 4.17 -6.05 14.68
CA GLN A 842 3.59 -5.54 13.42
C GLN A 842 4.03 -6.38 12.24
N VAL A 843 5.31 -6.77 12.19
CA VAL A 843 5.76 -7.60 11.05
CA VAL A 843 5.75 -7.61 11.07
C VAL A 843 5.07 -8.99 11.19
N ALA A 844 4.93 -9.48 12.43
CA ALA A 844 4.27 -10.80 12.61
C ALA A 844 2.85 -10.72 12.08
N SER A 845 2.11 -9.63 12.32
CA SER A 845 0.72 -9.56 11.92
C SER A 845 0.65 -9.43 10.41
N ARG A 846 1.64 -8.80 9.73
CA ARG A 846 1.57 -8.84 8.23
CA ARG A 846 1.68 -8.83 8.24
C ARG A 846 1.76 -10.27 7.78
N LEU A 847 2.67 -11.01 8.44
CA LEU A 847 3.02 -12.38 7.97
C LEU A 847 1.94 -13.36 8.29
N ILE A 848 1.07 -13.14 9.27
CA ILE A 848 0.04 -14.19 9.52
C ILE A 848 -1.06 -14.13 8.50
N GLU A 849 -1.16 -13.11 7.67
CA GLU A 849 -2.30 -12.95 6.82
C GLU A 849 -2.61 -14.21 5.94
N PRO A 850 -1.61 -14.92 5.39
CA PRO A 850 -1.99 -16.08 4.55
C PRO A 850 -2.66 -17.19 5.38
N LEU A 851 -2.38 -17.26 6.66
CA LEU A 851 -3.03 -18.33 7.47
C LEU A 851 -4.45 -17.98 7.79
N ILE A 852 -4.85 -16.69 7.88
CA ILE A 852 -6.21 -16.37 8.21
C ILE A 852 -7.22 -16.58 7.08
N ARG A 853 -6.70 -16.98 5.90
CA ARG A 853 -7.60 -17.19 4.75
C ARG A 853 -8.04 -18.64 4.67
N LEU A 854 -7.96 -19.39 5.78
CA LEU A 854 -8.22 -20.86 5.76
C LEU A 854 -9.60 -21.19 5.22
N LYS A 855 -10.66 -20.39 5.37
CA LYS A 855 -11.97 -20.85 4.90
C LYS A 855 -12.05 -20.82 3.38
N ARG A 856 -11.03 -20.30 2.66
CA ARG A 856 -11.04 -20.38 1.19
C ARG A 856 -10.48 -21.71 0.73
N TYR A 857 -9.96 -22.60 1.62
CA TYR A 857 -9.24 -23.80 1.20
C TYR A 857 -10.10 -25.04 1.50
N ASP A 858 -9.61 -26.16 0.99
CA ASP A 858 -10.37 -27.44 1.15
C ASP A 858 -10.30 -27.87 2.60
N ALA A 859 -11.19 -28.80 3.00
CA ALA A 859 -11.26 -29.17 4.43
C ALA A 859 -10.01 -29.67 5.07
N LYS A 860 -9.21 -30.47 4.36
CA LYS A 860 -8.02 -31.01 4.99
C LYS A 860 -6.99 -29.85 5.23
N ARG A 861 -6.88 -28.90 4.30
CA ARG A 861 -5.97 -27.73 4.53
C ARG A 861 -6.60 -26.92 5.63
N GLN A 862 -7.93 -26.68 5.68
CA GLN A 862 -8.51 -25.84 6.78
C GLN A 862 -8.18 -26.44 8.11
N GLU A 863 -8.26 -27.77 8.23
CA GLU A 863 -7.92 -28.44 9.50
CA GLU A 863 -7.98 -28.29 9.55
C GLU A 863 -6.51 -28.11 10.00
N LYS A 864 -5.55 -28.21 9.08
CA LYS A 864 -4.15 -27.99 9.44
C LYS A 864 -3.93 -26.49 9.76
N MET A 865 -4.60 -25.62 8.97
CA MET A 865 -4.37 -24.17 9.21
C MET A 865 -5.06 -23.78 10.56
N ARG A 866 -6.26 -24.38 10.85
CA ARG A 866 -6.90 -24.09 12.16
CA ARG A 866 -6.88 -24.13 12.16
C ARG A 866 -5.96 -24.59 13.30
N ALA A 867 -5.34 -25.76 13.16
CA ALA A 867 -4.40 -26.27 14.19
C ALA A 867 -3.23 -25.28 14.39
N ALA A 868 -2.72 -24.71 13.30
CA ALA A 868 -1.59 -23.75 13.40
C ALA A 868 -2.05 -22.49 14.12
N LEU A 869 -3.23 -22.01 13.77
CA LEU A 869 -3.75 -20.79 14.44
C LEU A 869 -4.00 -21.12 15.90
N GLU A 870 -4.52 -22.31 16.25
CA GLU A 870 -4.73 -22.68 17.69
CA GLU A 870 -4.78 -22.52 17.72
C GLU A 870 -3.39 -22.69 18.46
N GLN A 871 -2.32 -23.14 17.78
CA GLN A 871 -0.99 -23.14 18.41
C GLN A 871 -0.54 -21.72 18.72
N LEU A 872 -0.76 -20.82 17.77
CA LEU A 872 -0.33 -19.40 17.97
C LEU A 872 -1.27 -18.79 19.00
N LYS A 873 -2.57 -19.14 19.04
CA LYS A 873 -3.46 -18.49 20.07
C LYS A 873 -2.97 -18.78 21.50
N GLY A 874 -2.25 -19.89 21.64
CA GLY A 874 -1.77 -20.31 22.95
C GLY A 874 -0.42 -19.77 23.33
N LEU A 875 0.21 -18.90 22.51
CA LEU A 875 1.56 -18.34 22.84
C LEU A 875 1.46 -17.58 24.15
N GLU A 876 2.46 -17.78 25.03
CA GLU A 876 2.67 -16.83 26.13
C GLU A 876 2.93 -15.42 25.50
N ASN A 877 2.35 -14.46 26.12
CA ASN A 877 2.57 -13.04 25.71
C ASN A 877 2.17 -12.86 24.24
N LEU A 878 1.02 -13.43 23.89
CA LEU A 878 0.47 -13.18 22.53
C LEU A 878 0.17 -11.71 22.36
N SER A 879 0.70 -11.13 21.24
CA SER A 879 0.47 -9.71 21.00
C SER A 879 -0.98 -9.41 20.65
N GLY A 880 -1.44 -8.23 20.97
CA GLY A 880 -2.79 -7.83 20.50
C GLY A 880 -2.91 -7.90 19.00
N ASP A 881 -1.80 -7.56 18.31
CA ASP A 881 -1.80 -7.53 16.81
C ASP A 881 -2.23 -8.91 16.32
N LEU A 882 -1.60 -9.97 16.84
CA LEU A 882 -1.95 -11.32 16.39
C LEU A 882 -3.26 -11.81 17.01
N TYR A 883 -3.52 -11.46 18.25
CA TYR A 883 -4.80 -11.88 18.87
C TYR A 883 -5.96 -11.47 18.02
N GLU A 884 -6.00 -10.24 17.51
CA GLU A 884 -7.20 -9.75 16.80
C GLU A 884 -7.38 -10.67 15.53
N LYS A 885 -6.29 -10.94 14.79
CA LYS A 885 -6.44 -11.70 13.55
C LYS A 885 -6.78 -13.16 13.86
N ILE A 886 -6.13 -13.74 14.85
CA ILE A 886 -6.34 -15.19 15.15
C ILE A 886 -7.79 -15.35 15.61
N THR A 887 -8.30 -14.47 16.50
CA THR A 887 -9.66 -14.72 17.04
C THR A 887 -10.68 -14.57 15.86
N LYS A 888 -10.49 -13.61 14.94
CA LYS A 888 -11.40 -13.47 13.83
C LYS A 888 -11.28 -14.75 12.94
N ALA A 889 -10.09 -15.26 12.71
CA ALA A 889 -9.90 -16.46 11.84
C ALA A 889 -10.55 -17.72 12.40
N LEU A 890 -10.52 -17.86 13.71
CA LEU A 890 -10.99 -19.08 14.36
C LEU A 890 -12.48 -19.02 14.68
N ALA A 891 -13.13 -17.90 14.48
CA ALA A 891 -14.57 -17.71 14.77
C ALA A 891 -15.37 -18.56 13.76
#